data_2I9U
#
_entry.id   2I9U
#
_cell.length_a   87.385
_cell.length_b   88.994
_cell.length_c   139.596
_cell.angle_alpha   90.00
_cell.angle_beta   90.00
_cell.angle_gamma   90.00
#
_symmetry.space_group_name_H-M   'P 21 21 21'
#
loop_
_entity.id
_entity.type
_entity.pdbx_description
1 polymer 'Cytosine/guanine deaminase related protein'
2 non-polymer 'FE (III) ION'
3 non-polymer GUANINE
4 non-polymer GLYCEROL
5 water water
#
_entity_poly.entity_id   1
_entity_poly.type   'polypeptide(L)'
_entity_poly.pdbx_seq_one_letter_code
;MSLLEKDINLKIFKGNLIFTKTSDKFTIMKDSYIVVIDGKIASVSSNLPDKYKGNPIIDFRNNIIIPGMNDLHAHASQYK
NLGIGMDKELLPWLNNYTFPEEAKFLNVDYAKKTYGRLIKDLIKNGTTRVALFATLHKDSTIELFNMLIKSGIGAYVGKV
NMDYNCPDYLTENYITSLNDTEEIILKYKDKSNIVKPIITPRFVPSCSNELMDGLGKLSYKYRLPVQSHLSENLDEIAVV
KSLHKKSNFYGEVYDKFGLFGNTPTLMAHCIHSSKEEINLIKRNNVTIVHCPTSNFNLGSGMMPVRKYLNLGINVVLGSD
ISAGHTCSLFKVIAYAIQNSKIKWQESGKKDMFLSTSEAFYMATKKGGSFFGKVGSFEEGYDFDALVINDSNLYPEDYDL
TERLERFIYLGDDRNIMKRYVCGNEIFGPKFEGHHHHHH
;
_entity_poly.pdbx_strand_id   A,B
#
loop_
_chem_comp.id
_chem_comp.type
_chem_comp.name
_chem_comp.formula
FE non-polymer 'FE (III) ION' 'Fe 3'
GOL non-polymer GLYCEROL 'C3 H8 O3'
GUN non-polymer GUANINE 'C5 H5 N5 O'
#
# COMPACT_ATOMS: atom_id res chain seq x y z
N ASN A 9 21.43 -18.74 -30.57
CA ASN A 9 21.02 -17.56 -29.76
C ASN A 9 21.32 -17.79 -28.28
N LEU A 10 22.49 -17.34 -27.85
CA LEU A 10 22.91 -17.53 -26.47
C LEU A 10 23.22 -16.20 -25.76
N LYS A 11 22.70 -16.06 -24.54
CA LYS A 11 22.92 -14.86 -23.74
C LYS A 11 23.32 -15.26 -22.33
N ILE A 12 24.25 -14.50 -21.75
CA ILE A 12 24.70 -14.78 -20.40
C ILE A 12 24.50 -13.55 -19.54
N PHE A 13 23.81 -13.74 -18.42
CA PHE A 13 23.52 -12.64 -17.49
C PHE A 13 24.26 -12.89 -16.17
N LYS A 14 24.85 -11.83 -15.62
CA LYS A 14 25.54 -11.97 -14.35
C LYS A 14 25.01 -10.95 -13.35
N GLY A 15 24.77 -11.41 -12.13
CA GLY A 15 24.29 -10.50 -11.09
C GLY A 15 23.94 -11.24 -9.81
N ASN A 16 23.32 -10.53 -8.88
CA ASN A 16 22.90 -11.16 -7.62
C ASN A 16 21.51 -11.71 -7.85
N LEU A 17 21.43 -13.03 -7.90
CA LEU A 17 20.18 -13.72 -8.16
C LEU A 17 19.39 -14.06 -6.91
N ILE A 18 18.09 -13.80 -6.96
CA ILE A 18 17.18 -14.12 -5.86
C ILE A 18 15.91 -14.69 -6.47
N PHE A 19 15.55 -15.90 -6.06
CA PHE A 19 14.34 -16.55 -6.54
C PHE A 19 13.89 -17.57 -5.52
N THR A 20 12.73 -18.17 -5.76
CA THR A 20 12.18 -19.15 -4.85
C THR A 20 11.83 -20.44 -5.58
N LYS A 21 12.57 -21.51 -5.30
CA LYS A 21 12.32 -22.80 -5.92
C LYS A 21 11.14 -23.43 -5.20
N THR A 22 11.02 -23.11 -3.91
CA THR A 22 9.93 -23.58 -3.06
C THR A 22 9.42 -22.34 -2.32
N SER A 23 8.25 -22.42 -1.70
CA SER A 23 7.69 -21.25 -1.02
C SER A 23 8.31 -20.88 0.33
N ASP A 24 8.96 -21.84 0.98
CA ASP A 24 9.53 -21.60 2.30
C ASP A 24 10.80 -20.76 2.40
N LYS A 25 11.54 -20.60 1.31
CA LYS A 25 12.77 -19.82 1.39
C LYS A 25 13.28 -19.30 0.06
N PHE A 26 14.08 -18.25 0.13
CA PHE A 26 14.68 -17.65 -1.05
C PHE A 26 15.98 -18.39 -1.37
N THR A 27 16.30 -18.47 -2.65
CA THR A 27 17.56 -19.05 -3.07
C THR A 27 18.33 -17.79 -3.45
N ILE A 28 19.49 -17.61 -2.87
CA ILE A 28 20.28 -16.42 -3.13
C ILE A 28 21.64 -16.77 -3.67
N MET A 29 21.99 -16.17 -4.81
CA MET A 29 23.27 -16.46 -5.44
C MET A 29 24.00 -15.19 -5.84
N LYS A 30 24.93 -14.78 -4.99
CA LYS A 30 25.72 -13.58 -5.25
C LYS A 30 26.58 -13.74 -6.49
N ASP A 31 26.72 -12.64 -7.22
CA ASP A 31 27.53 -12.57 -8.44
C ASP A 31 27.51 -13.87 -9.24
N SER A 32 26.32 -14.40 -9.50
CA SER A 32 26.21 -15.63 -10.26
C SER A 32 25.79 -15.45 -11.72
N TYR A 33 25.95 -16.51 -12.51
CA TYR A 33 25.65 -16.49 -13.94
C TYR A 33 24.43 -17.30 -14.37
N ILE A 34 23.68 -16.75 -15.32
CA ILE A 34 22.53 -17.44 -15.88
C ILE A 34 22.78 -17.50 -17.38
N VAL A 35 22.88 -18.71 -17.93
CA VAL A 35 23.10 -18.88 -19.36
C VAL A 35 21.77 -19.19 -20.02
N VAL A 36 21.37 -18.35 -20.96
CA VAL A 36 20.10 -18.53 -21.66
C VAL A 36 20.31 -18.89 -23.12
N ILE A 37 19.68 -19.99 -23.53
CA ILE A 37 19.79 -20.44 -24.92
C ILE A 37 18.38 -20.58 -25.48
N ASP A 38 18.11 -19.82 -26.54
CA ASP A 38 16.80 -19.85 -27.18
C ASP A 38 15.68 -19.49 -26.20
N GLY A 39 15.96 -18.54 -25.32
CA GLY A 39 14.95 -18.10 -24.36
C GLY A 39 14.79 -18.93 -23.10
N LYS A 40 15.42 -20.09 -23.04
CA LYS A 40 15.31 -20.94 -21.87
C LYS A 40 16.62 -21.07 -21.10
N ILE A 41 16.52 -21.17 -19.78
CA ILE A 41 17.70 -21.28 -18.93
C ILE A 41 18.42 -22.62 -19.15
N ALA A 42 19.70 -22.55 -19.47
CA ALA A 42 20.51 -23.73 -19.70
C ALA A 42 21.41 -24.00 -18.51
N SER A 43 21.84 -22.93 -17.85
CA SER A 43 22.72 -23.05 -16.70
C SER A 43 22.59 -21.90 -15.71
N VAL A 44 22.59 -22.23 -14.43
CA VAL A 44 22.52 -21.23 -13.36
C VAL A 44 23.57 -21.67 -12.35
N SER A 45 24.65 -20.89 -12.22
CA SER A 45 25.73 -21.25 -11.31
C SER A 45 26.52 -20.04 -10.85
N SER A 46 27.27 -20.22 -9.77
CA SER A 46 28.10 -19.13 -9.21
C SER A 46 29.38 -18.95 -10.02
N ASN A 47 29.71 -19.95 -10.85
CA ASN A 47 30.88 -19.90 -11.70
C ASN A 47 30.47 -20.17 -13.14
N LEU A 48 30.95 -19.36 -14.08
CA LEU A 48 30.62 -19.54 -15.48
C LEU A 48 31.28 -20.80 -16.04
N PRO A 49 30.47 -21.75 -16.54
CA PRO A 49 31.03 -22.99 -17.10
C PRO A 49 32.01 -22.66 -18.23
N ASP A 50 33.07 -23.44 -18.34
CA ASP A 50 34.07 -23.22 -19.38
C ASP A 50 33.51 -23.32 -20.80
N LYS A 51 32.49 -24.17 -20.95
CA LYS A 51 31.86 -24.35 -22.26
C LYS A 51 31.19 -23.08 -22.78
N TYR A 52 31.11 -22.05 -21.95
CA TYR A 52 30.48 -20.79 -22.36
C TYR A 52 31.44 -19.62 -22.39
N LYS A 53 32.68 -19.84 -22.01
CA LYS A 53 33.67 -18.77 -22.02
C LYS A 53 33.80 -18.21 -23.43
N GLY A 54 34.20 -16.95 -23.54
CA GLY A 54 34.35 -16.33 -24.84
C GLY A 54 33.07 -15.63 -25.28
N ASN A 55 31.96 -15.96 -24.64
CA ASN A 55 30.68 -15.34 -24.96
C ASN A 55 30.52 -14.05 -24.19
N PRO A 56 29.74 -13.11 -24.73
CA PRO A 56 29.52 -11.83 -24.05
C PRO A 56 28.79 -12.06 -22.73
N ILE A 57 29.14 -11.27 -21.73
CA ILE A 57 28.49 -11.37 -20.44
C ILE A 57 27.82 -10.05 -20.11
N ILE A 58 26.51 -10.08 -19.93
CA ILE A 58 25.78 -8.87 -19.57
C ILE A 58 25.89 -8.81 -18.05
N ASP A 59 26.84 -8.01 -17.58
CA ASP A 59 27.13 -7.87 -16.15
C ASP A 59 26.34 -6.76 -15.45
N PHE A 60 25.41 -7.18 -14.59
CA PHE A 60 24.57 -6.22 -13.86
C PHE A 60 25.17 -5.78 -12.53
N ARG A 61 26.44 -6.11 -12.32
CA ARG A 61 27.18 -5.72 -11.11
C ARG A 61 26.50 -6.03 -9.77
N ASN A 62 26.37 -5.02 -8.93
CA ASN A 62 25.76 -5.18 -7.62
C ASN A 62 24.23 -5.20 -7.64
N ASN A 63 23.64 -5.07 -8.84
CA ASN A 63 22.19 -5.08 -8.95
C ASN A 63 21.60 -6.46 -8.69
N ILE A 64 20.29 -6.49 -8.44
CA ILE A 64 19.58 -7.73 -8.16
C ILE A 64 18.81 -8.21 -9.37
N ILE A 65 18.84 -9.52 -9.60
CA ILE A 65 18.09 -10.11 -10.70
C ILE A 65 17.05 -11.03 -10.07
N ILE A 66 15.77 -10.82 -10.39
CA ILE A 66 14.70 -11.66 -9.87
C ILE A 66 13.80 -12.04 -11.03
N PRO A 67 12.97 -13.09 -10.85
CA PRO A 67 12.08 -13.51 -11.93
C PRO A 67 11.03 -12.41 -12.13
N GLY A 68 10.37 -12.41 -13.28
CA GLY A 68 9.35 -11.40 -13.52
C GLY A 68 8.10 -11.69 -12.72
N MET A 69 7.20 -10.70 -12.63
CA MET A 69 5.96 -10.91 -11.89
C MET A 69 4.91 -11.52 -12.80
N ASN A 70 4.10 -12.41 -12.25
CA ASN A 70 3.04 -13.07 -13.00
C ASN A 70 1.71 -12.72 -12.32
N ASP A 71 0.98 -11.82 -12.96
CA ASP A 71 -0.30 -11.31 -12.48
C ASP A 71 -1.42 -12.17 -13.06
N LEU A 72 -2.03 -13.00 -12.22
CA LEU A 72 -3.07 -13.90 -12.69
C LEU A 72 -4.51 -13.37 -12.79
N HIS A 73 -4.70 -12.07 -12.58
CA HIS A 73 -6.02 -11.49 -12.70
C HIS A 73 -6.04 -9.98 -12.74
N ALA A 74 -6.37 -9.42 -13.90
CA ALA A 74 -6.45 -7.99 -14.09
C ALA A 74 -7.41 -7.68 -15.23
N HIS A 75 -8.15 -6.58 -15.12
CA HIS A 75 -9.08 -6.17 -16.16
C HIS A 75 -8.39 -5.10 -16.99
N ALA A 76 -7.91 -5.51 -18.15
CA ALA A 76 -7.21 -4.60 -19.05
C ALA A 76 -8.02 -3.36 -19.39
N SER A 77 -9.31 -3.57 -19.62
CA SER A 77 -10.24 -2.51 -20.01
C SER A 77 -10.60 -1.50 -18.91
N GLN A 78 -10.12 -1.74 -17.70
CA GLN A 78 -10.45 -0.85 -16.59
C GLN A 78 -9.29 0.07 -16.20
N TYR A 79 -8.24 0.06 -17.01
CA TYR A 79 -7.05 0.86 -16.75
C TYR A 79 -7.32 2.32 -16.38
N LYS A 80 -8.25 2.95 -17.09
CA LYS A 80 -8.56 4.35 -16.82
C LYS A 80 -9.11 4.65 -15.43
N ASN A 81 -9.83 3.72 -14.84
CA ASN A 81 -10.40 3.92 -13.50
C ASN A 81 -9.45 3.62 -12.34
N LEU A 82 -8.17 3.43 -12.67
CA LEU A 82 -7.18 3.15 -11.65
C LEU A 82 -7.11 4.29 -10.63
N GLY A 83 -7.31 3.96 -9.35
CA GLY A 83 -7.26 4.96 -8.30
C GLY A 83 -8.45 5.90 -8.24
N ILE A 84 -9.47 5.59 -9.03
CA ILE A 84 -10.68 6.40 -9.10
C ILE A 84 -11.93 5.59 -8.81
N GLY A 85 -12.99 6.29 -8.40
CA GLY A 85 -14.27 5.68 -8.12
C GLY A 85 -14.30 4.41 -7.29
N MET A 86 -13.84 4.50 -6.06
CA MET A 86 -13.84 3.35 -5.17
C MET A 86 -14.64 3.70 -3.93
N ASP A 87 -15.87 4.17 -4.15
CA ASP A 87 -16.76 4.55 -3.07
C ASP A 87 -17.99 3.66 -3.04
N LYS A 88 -17.95 2.57 -3.79
CA LYS A 88 -19.09 1.65 -3.83
C LYS A 88 -18.67 0.20 -3.77
N GLU A 89 -19.61 -0.63 -3.34
CA GLU A 89 -19.40 -2.06 -3.22
C GLU A 89 -19.44 -2.69 -4.62
N LEU A 90 -18.85 -3.89 -4.76
CA LEU A 90 -18.76 -4.59 -6.04
C LEU A 90 -19.89 -4.35 -7.04
N LEU A 91 -21.07 -4.89 -6.76
CA LEU A 91 -22.21 -4.72 -7.67
C LEU A 91 -22.49 -3.26 -8.01
N PRO A 92 -22.71 -2.40 -7.00
CA PRO A 92 -22.98 -0.99 -7.31
C PRO A 92 -21.84 -0.38 -8.12
N TRP A 93 -20.61 -0.74 -7.74
CA TRP A 93 -19.39 -0.26 -8.38
C TRP A 93 -19.38 -0.49 -9.89
N LEU A 94 -19.71 -1.71 -10.28
CA LEU A 94 -19.75 -2.11 -11.68
C LEU A 94 -20.66 -1.18 -12.47
N ASN A 95 -21.85 -0.99 -11.93
CA ASN A 95 -22.86 -0.16 -12.58
C ASN A 95 -22.52 1.31 -12.72
N ASN A 96 -21.72 1.84 -11.80
CA ASN A 96 -21.37 3.25 -11.83
C ASN A 96 -20.14 3.67 -12.65
N TYR A 97 -19.03 2.96 -12.51
CA TYR A 97 -17.82 3.32 -13.23
C TYR A 97 -17.26 2.27 -14.21
N THR A 98 -17.25 1.02 -13.78
CA THR A 98 -16.71 -0.05 -14.61
C THR A 98 -17.42 -0.30 -15.94
N PHE A 99 -18.72 -0.59 -15.90
CA PHE A 99 -19.46 -0.85 -17.13
C PHE A 99 -19.39 0.34 -18.12
N PRO A 100 -19.57 1.57 -17.63
CA PRO A 100 -19.49 2.70 -18.55
C PRO A 100 -18.11 2.79 -19.22
N GLU A 101 -17.07 2.44 -18.48
CA GLU A 101 -15.72 2.47 -19.01
C GLU A 101 -15.50 1.38 -20.05
N GLU A 102 -15.91 0.15 -19.73
CA GLU A 102 -15.76 -0.95 -20.67
C GLU A 102 -16.57 -0.73 -21.95
N ALA A 103 -17.74 -0.10 -21.83
CA ALA A 103 -18.58 0.17 -22.98
C ALA A 103 -17.83 1.00 -24.03
N LYS A 104 -16.94 1.86 -23.56
CA LYS A 104 -16.15 2.71 -24.45
C LYS A 104 -15.30 1.90 -25.42
N PHE A 105 -15.05 0.63 -25.09
CA PHE A 105 -14.23 -0.20 -25.95
C PHE A 105 -14.96 -0.66 -27.20
N LEU A 106 -16.16 -0.15 -27.41
CA LEU A 106 -16.92 -0.46 -28.60
C LEU A 106 -16.09 0.20 -29.71
N ASN A 107 -15.47 1.33 -29.34
CA ASN A 107 -14.62 2.08 -30.25
C ASN A 107 -13.20 1.51 -30.19
N VAL A 108 -12.75 0.96 -31.31
CA VAL A 108 -11.43 0.34 -31.38
C VAL A 108 -10.29 1.32 -31.12
N ASP A 109 -10.47 2.58 -31.52
CA ASP A 109 -9.46 3.60 -31.33
C ASP A 109 -9.21 3.87 -29.84
N TYR A 110 -10.29 3.92 -29.07
CA TYR A 110 -10.20 4.14 -27.64
C TYR A 110 -9.47 2.96 -27.01
N ALA A 111 -9.75 1.77 -27.54
CA ALA A 111 -9.12 0.55 -27.06
C ALA A 111 -7.62 0.59 -27.33
N LYS A 112 -7.25 0.87 -28.58
CA LYS A 112 -5.84 0.96 -28.96
C LYS A 112 -5.11 1.89 -28.00
N LYS A 113 -5.72 3.06 -27.77
CA LYS A 113 -5.15 4.08 -26.89
C LYS A 113 -5.00 3.64 -25.43
N THR A 114 -6.10 3.17 -24.84
CA THR A 114 -6.09 2.74 -23.44
C THR A 114 -5.25 1.50 -23.20
N TYR A 115 -5.42 0.47 -24.03
CA TYR A 115 -4.64 -0.74 -23.85
C TYR A 115 -3.16 -0.42 -24.04
N GLY A 116 -2.88 0.59 -24.84
CA GLY A 116 -1.51 0.99 -25.07
C GLY A 116 -0.91 1.47 -23.76
N ARG A 117 -1.67 2.29 -23.05
CA ARG A 117 -1.22 2.81 -21.75
C ARG A 117 -1.07 1.65 -20.77
N LEU A 118 -2.04 0.75 -20.75
CA LEU A 118 -2.02 -0.41 -19.87
C LEU A 118 -0.74 -1.23 -20.04
N ILE A 119 -0.48 -1.65 -21.27
CA ILE A 119 0.69 -2.46 -21.56
C ILE A 119 1.99 -1.80 -21.14
N LYS A 120 2.10 -0.49 -21.35
CA LYS A 120 3.31 0.22 -20.95
C LYS A 120 3.43 0.23 -19.42
N ASP A 121 2.29 0.28 -18.75
CA ASP A 121 2.27 0.29 -17.29
C ASP A 121 2.65 -1.08 -16.74
N LEU A 122 2.15 -2.15 -17.36
CA LEU A 122 2.47 -3.51 -16.92
C LEU A 122 3.96 -3.77 -17.01
N ILE A 123 4.54 -3.46 -18.17
CA ILE A 123 5.96 -3.66 -18.39
C ILE A 123 6.78 -2.80 -17.43
N LYS A 124 6.36 -1.55 -17.29
CA LYS A 124 7.01 -0.61 -16.40
C LYS A 124 7.07 -1.16 -14.98
N ASN A 125 5.98 -1.81 -14.55
CA ASN A 125 5.94 -2.36 -13.21
C ASN A 125 6.53 -3.76 -13.07
N GLY A 126 7.08 -4.27 -14.16
CA GLY A 126 7.70 -5.58 -14.09
C GLY A 126 6.81 -6.79 -14.21
N THR A 127 5.60 -6.61 -14.74
CA THR A 127 4.70 -7.75 -14.93
C THR A 127 5.07 -8.34 -16.28
N THR A 128 5.54 -9.58 -16.28
CA THR A 128 5.96 -10.25 -17.50
C THR A 128 4.95 -11.22 -18.12
N ARG A 129 4.01 -11.71 -17.31
CA ARG A 129 2.95 -12.60 -17.79
C ARG A 129 1.69 -12.16 -17.05
N VAL A 130 0.58 -12.07 -17.76
CA VAL A 130 -0.64 -11.63 -17.12
C VAL A 130 -1.90 -12.29 -17.70
N ALA A 131 -2.85 -12.57 -16.83
CA ALA A 131 -4.13 -13.17 -17.23
C ALA A 131 -5.10 -11.97 -17.27
N LEU A 132 -5.57 -11.63 -18.46
CA LEU A 132 -6.43 -10.47 -18.61
C LEU A 132 -7.87 -10.66 -19.06
N PHE A 133 -8.76 -9.88 -18.45
CA PHE A 133 -10.17 -9.84 -18.85
C PHE A 133 -10.18 -8.59 -19.74
N ALA A 134 -10.72 -8.71 -20.95
CA ALA A 134 -10.78 -7.55 -21.85
C ALA A 134 -12.20 -6.98 -21.70
N THR A 135 -12.95 -6.96 -22.80
CA THR A 135 -14.35 -6.52 -22.80
C THR A 135 -15.07 -7.51 -23.69
N LEU A 136 -16.39 -7.37 -23.79
CA LEU A 136 -17.18 -8.27 -24.62
C LEU A 136 -16.96 -7.99 -26.12
N HIS A 137 -16.35 -6.84 -26.43
CA HIS A 137 -16.11 -6.44 -27.82
C HIS A 137 -15.03 -7.28 -28.50
N LYS A 138 -15.39 -7.87 -29.64
CA LYS A 138 -14.48 -8.73 -30.39
C LYS A 138 -13.29 -8.00 -31.01
N ASP A 139 -13.56 -6.96 -31.80
CA ASP A 139 -12.50 -6.22 -32.46
C ASP A 139 -11.48 -5.59 -31.51
N SER A 140 -11.96 -4.96 -30.43
CA SER A 140 -11.04 -4.36 -29.48
C SER A 140 -10.20 -5.42 -28.78
N THR A 141 -10.79 -6.58 -28.52
CA THR A 141 -10.06 -7.64 -27.86
C THR A 141 -9.00 -8.21 -28.80
N ILE A 142 -9.35 -8.27 -30.09
CA ILE A 142 -8.39 -8.76 -31.08
C ILE A 142 -7.20 -7.80 -31.11
N GLU A 143 -7.50 -6.51 -30.99
CA GLU A 143 -6.45 -5.49 -30.99
C GLU A 143 -5.52 -5.69 -29.79
N LEU A 144 -6.09 -6.05 -28.65
CA LEU A 144 -5.29 -6.29 -27.43
C LEU A 144 -4.34 -7.46 -27.66
N PHE A 145 -4.86 -8.51 -28.30
CA PHE A 145 -4.04 -9.69 -28.62
C PHE A 145 -2.80 -9.26 -29.41
N ASN A 146 -3.04 -8.51 -30.48
CA ASN A 146 -1.97 -8.05 -31.35
C ASN A 146 -0.98 -7.12 -30.67
N MET A 147 -1.49 -6.21 -29.86
CA MET A 147 -0.61 -5.29 -29.14
C MET A 147 0.24 -6.05 -28.14
N LEU A 148 -0.35 -7.05 -27.48
CA LEU A 148 0.38 -7.84 -26.50
C LEU A 148 1.46 -8.65 -27.21
N ILE A 149 1.11 -9.24 -28.34
CA ILE A 149 2.07 -10.02 -29.11
C ILE A 149 3.23 -9.12 -29.51
N LYS A 150 2.90 -7.90 -29.94
CA LYS A 150 3.93 -6.95 -30.35
C LYS A 150 4.80 -6.49 -29.17
N SER A 151 4.22 -6.39 -27.98
CA SER A 151 4.96 -5.93 -26.81
C SER A 151 6.05 -6.91 -26.34
N GLY A 152 5.82 -8.21 -26.55
CA GLY A 152 6.82 -9.19 -26.13
C GLY A 152 6.53 -9.91 -24.83
N ILE A 153 5.53 -9.46 -24.08
CA ILE A 153 5.21 -10.12 -22.82
C ILE A 153 4.22 -11.25 -23.05
N GLY A 154 4.06 -12.11 -22.05
CA GLY A 154 3.15 -13.23 -22.18
C GLY A 154 1.80 -12.89 -21.59
N ALA A 155 0.76 -13.58 -22.04
CA ALA A 155 -0.57 -13.31 -21.51
C ALA A 155 -1.64 -14.27 -21.96
N TYR A 156 -2.69 -14.35 -21.14
CA TYR A 156 -3.86 -15.13 -21.45
C TYR A 156 -4.87 -14.00 -21.62
N VAL A 157 -5.45 -13.89 -22.81
CA VAL A 157 -6.41 -12.84 -23.09
C VAL A 157 -7.81 -13.40 -23.23
N GLY A 158 -8.76 -12.75 -22.56
CA GLY A 158 -10.10 -13.28 -22.60
C GLY A 158 -11.19 -12.26 -23.01
N LYS A 159 -11.75 -12.46 -24.18
CA LYS A 159 -12.87 -11.66 -24.62
C LYS A 159 -13.88 -12.03 -23.55
N VAL A 160 -14.54 -11.03 -22.97
CA VAL A 160 -15.49 -11.29 -21.91
C VAL A 160 -16.89 -11.68 -22.38
N ASN A 161 -17.40 -12.78 -21.84
CA ASN A 161 -18.72 -13.29 -22.18
C ASN A 161 -19.71 -12.82 -21.11
N MET A 162 -20.70 -12.04 -21.51
CA MET A 162 -21.71 -11.51 -20.59
C MET A 162 -22.97 -11.17 -21.37
N ASP A 163 -24.02 -11.94 -21.12
CA ASP A 163 -25.29 -11.76 -21.84
C ASP A 163 -26.49 -11.68 -20.91
N TYR A 164 -26.28 -11.88 -19.62
CA TYR A 164 -27.40 -11.88 -18.69
C TYR A 164 -27.41 -10.77 -17.64
N ASN A 165 -28.54 -10.10 -17.54
CA ASN A 165 -28.75 -9.02 -16.57
C ASN A 165 -27.73 -7.90 -16.71
N CYS A 166 -27.25 -7.67 -17.92
CA CYS A 166 -26.27 -6.62 -18.16
C CYS A 166 -26.93 -5.33 -18.66
N PRO A 167 -26.23 -4.19 -18.55
CA PRO A 167 -26.81 -2.94 -19.03
C PRO A 167 -26.99 -2.93 -20.55
N ASP A 168 -27.97 -2.17 -21.03
CA ASP A 168 -28.28 -2.09 -22.45
C ASP A 168 -27.09 -1.64 -23.32
N TYR A 169 -26.19 -0.86 -22.73
CA TYR A 169 -25.03 -0.36 -23.45
C TYR A 169 -23.82 -1.30 -23.36
N LEU A 170 -23.94 -2.36 -22.56
CA LEU A 170 -22.86 -3.31 -22.40
C LEU A 170 -23.43 -4.72 -22.19
N THR A 171 -23.97 -5.28 -23.26
CA THR A 171 -24.54 -6.62 -23.19
C THR A 171 -24.36 -7.27 -24.55
N GLU A 172 -24.68 -8.56 -24.65
CA GLU A 172 -24.54 -9.25 -25.91
C GLU A 172 -25.48 -10.45 -25.98
N ASN A 173 -25.64 -10.98 -27.19
CA ASN A 173 -26.49 -12.13 -27.42
C ASN A 173 -25.57 -13.35 -27.31
N TYR A 174 -26.01 -14.40 -26.62
CA TYR A 174 -25.17 -15.57 -26.45
C TYR A 174 -24.74 -16.22 -27.77
N ILE A 175 -25.55 -16.07 -28.81
CA ILE A 175 -25.23 -16.66 -30.11
C ILE A 175 -23.99 -15.97 -30.70
N THR A 176 -24.02 -14.64 -30.68
CA THR A 176 -22.91 -13.85 -31.20
C THR A 176 -21.69 -14.04 -30.30
N SER A 177 -21.92 -14.01 -28.99
CA SER A 177 -20.84 -14.17 -28.03
C SER A 177 -20.03 -15.42 -28.33
N LEU A 178 -20.72 -16.54 -28.51
CA LEU A 178 -20.06 -17.81 -28.81
C LEU A 178 -19.35 -17.79 -30.16
N ASN A 179 -19.99 -17.24 -31.17
CA ASN A 179 -19.34 -17.17 -32.49
C ASN A 179 -18.09 -16.30 -32.39
N ASP A 180 -18.20 -15.17 -31.70
CA ASP A 180 -17.06 -14.28 -31.55
C ASP A 180 -15.95 -14.97 -30.79
N THR A 181 -16.31 -15.67 -29.72
CA THR A 181 -15.33 -16.38 -28.91
C THR A 181 -14.57 -17.39 -29.76
N GLU A 182 -15.31 -18.30 -30.40
CA GLU A 182 -14.69 -19.32 -31.25
C GLU A 182 -13.86 -18.70 -32.37
N GLU A 183 -14.35 -17.61 -32.94
CA GLU A 183 -13.61 -16.93 -34.01
C GLU A 183 -12.25 -16.48 -33.47
N ILE A 184 -12.26 -15.91 -32.27
CA ILE A 184 -11.02 -15.45 -31.66
C ILE A 184 -10.09 -16.63 -31.39
N ILE A 185 -10.65 -17.71 -30.87
CA ILE A 185 -9.88 -18.91 -30.58
C ILE A 185 -9.14 -19.42 -31.81
N LEU A 186 -9.85 -19.60 -32.90
CA LEU A 186 -9.25 -20.08 -34.14
C LEU A 186 -8.17 -19.16 -34.68
N LYS A 187 -8.34 -17.86 -34.48
CA LYS A 187 -7.37 -16.89 -34.96
C LYS A 187 -6.06 -16.86 -34.15
N TYR A 188 -6.15 -17.11 -32.85
CA TYR A 188 -4.96 -17.04 -32.00
C TYR A 188 -4.47 -18.31 -31.29
N LYS A 189 -5.25 -19.39 -31.33
CA LYS A 189 -4.85 -20.61 -30.65
C LYS A 189 -3.44 -21.11 -30.99
N ASP A 190 -3.01 -20.92 -32.23
CA ASP A 190 -1.69 -21.39 -32.65
C ASP A 190 -0.75 -20.29 -33.16
N LYS A 191 -1.17 -19.03 -33.03
CA LYS A 191 -0.37 -17.92 -33.51
C LYS A 191 0.90 -17.66 -32.68
N SER A 192 0.72 -17.14 -31.47
CA SER A 192 1.85 -16.86 -30.59
C SER A 192 2.02 -17.97 -29.54
N ASN A 193 3.25 -18.12 -29.05
CA ASN A 193 3.53 -19.14 -28.06
C ASN A 193 3.35 -18.62 -26.63
N ILE A 194 3.25 -17.30 -26.47
CA ILE A 194 3.09 -16.73 -25.13
C ILE A 194 1.84 -15.89 -24.92
N VAL A 195 1.13 -15.54 -25.99
CA VAL A 195 -0.10 -14.78 -25.89
C VAL A 195 -1.19 -15.73 -26.39
N LYS A 196 -2.01 -16.22 -25.48
CA LYS A 196 -3.04 -17.20 -25.82
C LYS A 196 -4.44 -16.83 -25.34
N PRO A 197 -5.45 -17.46 -25.94
CA PRO A 197 -6.85 -17.20 -25.56
C PRO A 197 -7.23 -18.01 -24.33
N ILE A 198 -8.18 -17.48 -23.56
CA ILE A 198 -8.67 -18.16 -22.37
C ILE A 198 -10.17 -17.90 -22.27
N ILE A 199 -10.94 -18.95 -22.00
CA ILE A 199 -12.40 -18.84 -21.91
C ILE A 199 -12.75 -17.96 -20.72
N THR A 200 -13.51 -16.89 -20.98
CA THR A 200 -13.80 -15.94 -19.93
C THR A 200 -15.24 -15.50 -19.63
N PRO A 201 -16.03 -16.36 -19.00
CA PRO A 201 -17.39 -15.91 -18.68
C PRO A 201 -17.15 -14.90 -17.56
N ARG A 202 -17.80 -13.73 -17.58
CA ARG A 202 -17.53 -12.74 -16.54
C ARG A 202 -17.77 -13.29 -15.15
N PHE A 203 -18.89 -14.00 -15.00
CA PHE A 203 -19.28 -14.67 -13.77
C PHE A 203 -20.76 -15.06 -13.81
N VAL A 204 -21.12 -16.08 -13.05
CA VAL A 204 -22.48 -16.61 -13.02
C VAL A 204 -23.63 -15.62 -13.15
N PRO A 205 -23.68 -14.58 -12.29
CA PRO A 205 -24.78 -13.61 -12.39
C PRO A 205 -24.86 -12.84 -13.71
N SER A 206 -23.87 -13.03 -14.58
CA SER A 206 -23.86 -12.33 -15.87
C SER A 206 -23.94 -13.26 -17.08
N CYS A 207 -24.04 -14.57 -16.84
CA CYS A 207 -24.10 -15.51 -17.93
C CYS A 207 -25.31 -16.45 -17.90
N SER A 208 -25.98 -16.58 -19.04
CA SER A 208 -27.14 -17.45 -19.15
C SER A 208 -26.62 -18.89 -19.24
N ASN A 209 -27.52 -19.86 -19.06
CA ASN A 209 -27.13 -21.26 -19.15
C ASN A 209 -26.69 -21.55 -20.58
N GLU A 210 -27.39 -20.96 -21.55
CA GLU A 210 -27.07 -21.15 -22.96
C GLU A 210 -25.60 -20.80 -23.19
N LEU A 211 -25.22 -19.61 -22.71
CA LEU A 211 -23.85 -19.14 -22.87
C LEU A 211 -22.84 -20.04 -22.18
N MET A 212 -23.04 -20.30 -20.89
CA MET A 212 -22.12 -21.13 -20.14
C MET A 212 -21.93 -22.53 -20.73
N ASP A 213 -23.00 -23.13 -21.22
CA ASP A 213 -22.87 -24.47 -21.81
C ASP A 213 -22.05 -24.37 -23.09
N GLY A 214 -22.29 -23.32 -23.86
CA GLY A 214 -21.55 -23.12 -25.11
C GLY A 214 -20.08 -22.87 -24.84
N LEU A 215 -19.79 -22.14 -23.76
CA LEU A 215 -18.41 -21.85 -23.40
C LEU A 215 -17.75 -23.14 -22.89
N GLY A 216 -18.53 -23.93 -22.16
CA GLY A 216 -18.03 -25.19 -21.65
C GLY A 216 -17.64 -26.08 -22.83
N LYS A 217 -18.45 -26.05 -23.88
CA LYS A 217 -18.17 -26.85 -25.07
C LYS A 217 -16.89 -26.37 -25.76
N LEU A 218 -16.70 -25.06 -25.81
CA LEU A 218 -15.51 -24.50 -26.44
C LEU A 218 -14.25 -24.87 -25.67
N SER A 219 -14.30 -24.77 -24.35
CA SER A 219 -13.15 -25.11 -23.52
C SER A 219 -12.71 -26.54 -23.79
N TYR A 220 -13.68 -27.45 -23.78
CA TYR A 220 -13.41 -28.86 -24.03
C TYR A 220 -12.87 -29.06 -25.44
N LYS A 221 -13.62 -28.57 -26.43
CA LYS A 221 -13.26 -28.71 -27.84
C LYS A 221 -11.86 -28.23 -28.20
N TYR A 222 -11.45 -27.10 -27.63
CA TYR A 222 -10.13 -26.55 -27.90
C TYR A 222 -9.14 -26.71 -26.75
N ARG A 223 -9.54 -27.47 -25.74
CA ARG A 223 -8.69 -27.71 -24.56
C ARG A 223 -8.11 -26.40 -24.03
N LEU A 224 -8.99 -25.44 -23.78
CA LEU A 224 -8.60 -24.13 -23.31
C LEU A 224 -8.83 -23.88 -21.83
N PRO A 225 -7.94 -23.11 -21.19
CA PRO A 225 -8.07 -22.80 -19.77
C PRO A 225 -9.26 -21.86 -19.59
N VAL A 226 -9.72 -21.71 -18.35
CA VAL A 226 -10.85 -20.86 -18.03
C VAL A 226 -10.51 -19.87 -16.91
N GLN A 227 -11.22 -18.74 -16.89
CA GLN A 227 -11.01 -17.73 -15.86
C GLN A 227 -12.33 -17.03 -15.58
N SER A 228 -12.56 -16.67 -14.33
CA SER A 228 -13.80 -15.99 -13.93
C SER A 228 -13.72 -15.57 -12.46
N HIS A 229 -14.84 -15.08 -11.92
CA HIS A 229 -14.89 -14.65 -10.53
C HIS A 229 -15.64 -15.61 -9.61
N LEU A 230 -15.21 -15.68 -8.36
CA LEU A 230 -15.84 -16.57 -7.39
C LEU A 230 -15.90 -16.01 -5.97
N SER A 231 -17.11 -16.02 -5.39
CA SER A 231 -17.36 -15.57 -4.02
C SER A 231 -16.57 -14.33 -3.55
N GLU A 232 -16.62 -13.27 -4.35
CA GLU A 232 -15.92 -12.03 -4.01
C GLU A 232 -16.71 -11.14 -3.06
N ASN A 233 -18.02 -11.04 -3.29
CA ASN A 233 -18.89 -10.19 -2.48
C ASN A 233 -20.14 -10.93 -1.98
N LEU A 234 -20.58 -10.58 -0.77
CA LEU A 234 -21.76 -11.19 -0.16
C LEU A 234 -23.03 -11.02 -1.00
N ASP A 235 -23.29 -9.81 -1.48
CA ASP A 235 -24.48 -9.55 -2.30
C ASP A 235 -24.37 -10.29 -3.62
N GLU A 236 -23.15 -10.38 -4.15
CA GLU A 236 -22.90 -11.09 -5.40
C GLU A 236 -23.30 -12.56 -5.21
N ILE A 237 -22.85 -13.12 -4.09
CA ILE A 237 -23.12 -14.52 -3.74
C ILE A 237 -24.62 -14.80 -3.58
N ALA A 238 -25.34 -13.87 -2.97
CA ALA A 238 -26.77 -14.02 -2.76
C ALA A 238 -27.49 -14.03 -4.11
N VAL A 239 -26.97 -13.30 -5.07
CA VAL A 239 -27.56 -13.23 -6.41
C VAL A 239 -27.38 -14.56 -7.14
N VAL A 240 -26.20 -15.15 -7.01
CA VAL A 240 -25.89 -16.42 -7.66
C VAL A 240 -26.85 -17.51 -7.20
N LYS A 241 -26.95 -17.73 -5.90
CA LYS A 241 -27.83 -18.77 -5.36
C LYS A 241 -29.30 -18.43 -5.58
N SER A 242 -29.57 -17.17 -5.94
CA SER A 242 -30.93 -16.72 -6.19
C SER A 242 -31.33 -17.03 -7.64
N LEU A 243 -30.39 -16.84 -8.56
CA LEU A 243 -30.63 -17.12 -9.97
C LEU A 243 -30.60 -18.62 -10.20
N HIS A 244 -29.80 -19.31 -9.39
CA HIS A 244 -29.65 -20.75 -9.47
C HIS A 244 -30.05 -21.38 -8.13
N LYS A 245 -31.34 -21.62 -7.94
CA LYS A 245 -31.84 -22.17 -6.69
C LYS A 245 -31.45 -23.63 -6.54
N LYS A 246 -30.92 -24.27 -7.56
CA LYS A 246 -30.53 -25.67 -7.50
C LYS A 246 -29.09 -25.90 -7.07
N SER A 247 -28.36 -24.80 -6.84
CA SER A 247 -26.97 -24.89 -6.44
C SER A 247 -26.78 -24.71 -4.94
N ASN A 248 -25.87 -25.49 -4.35
CA ASN A 248 -25.58 -25.39 -2.93
C ASN A 248 -24.51 -24.32 -2.68
N PHE A 249 -23.76 -23.99 -3.73
CA PHE A 249 -22.73 -22.96 -3.64
C PHE A 249 -22.27 -22.44 -4.99
N TYR A 250 -21.71 -21.23 -4.98
CA TYR A 250 -21.22 -20.52 -6.16
C TYR A 250 -20.51 -21.38 -7.21
N GLY A 251 -19.38 -21.96 -6.84
CA GLY A 251 -18.60 -22.77 -7.76
C GLY A 251 -19.25 -23.98 -8.40
N GLU A 252 -20.31 -24.48 -7.78
CA GLU A 252 -21.01 -25.65 -8.29
C GLU A 252 -21.60 -25.41 -9.68
N VAL A 253 -22.14 -24.21 -9.91
CA VAL A 253 -22.72 -23.88 -11.20
C VAL A 253 -21.69 -23.87 -12.33
N TYR A 254 -20.48 -23.37 -12.05
CA TYR A 254 -19.43 -23.35 -13.07
C TYR A 254 -19.12 -24.79 -13.44
N ASP A 255 -18.95 -25.62 -12.41
CA ASP A 255 -18.62 -27.03 -12.60
C ASP A 255 -19.67 -27.76 -13.43
N LYS A 256 -20.94 -27.41 -13.19
CA LYS A 256 -22.04 -28.03 -13.91
C LYS A 256 -21.85 -27.87 -15.43
N PHE A 257 -21.22 -26.78 -15.85
CA PHE A 257 -20.99 -26.52 -17.26
C PHE A 257 -19.60 -26.86 -17.77
N GLY A 258 -18.79 -27.48 -16.90
CA GLY A 258 -17.44 -27.86 -17.30
C GLY A 258 -16.48 -26.68 -17.33
N LEU A 259 -16.72 -25.72 -16.47
CA LEU A 259 -15.87 -24.53 -16.40
C LEU A 259 -15.26 -24.38 -15.01
N PHE A 260 -14.97 -25.51 -14.35
CA PHE A 260 -14.42 -25.45 -13.01
C PHE A 260 -13.30 -26.47 -12.75
N GLY A 261 -12.28 -26.47 -13.61
CA GLY A 261 -11.18 -27.40 -13.39
C GLY A 261 -10.85 -28.45 -14.44
N ASN A 262 -11.75 -28.70 -15.39
CA ASN A 262 -11.47 -29.70 -16.42
C ASN A 262 -10.17 -29.35 -17.12
N THR A 263 -9.94 -28.04 -17.24
CA THR A 263 -8.71 -27.50 -17.84
C THR A 263 -8.23 -26.50 -16.79
N PRO A 264 -6.96 -26.05 -16.87
CA PRO A 264 -6.51 -25.10 -15.86
C PRO A 264 -7.54 -23.97 -15.70
N THR A 265 -7.99 -23.74 -14.48
CA THR A 265 -9.00 -22.73 -14.20
C THR A 265 -8.61 -21.72 -13.13
N LEU A 266 -8.84 -20.45 -13.43
CA LEU A 266 -8.54 -19.35 -12.51
C LEU A 266 -9.84 -18.77 -11.96
N MET A 267 -9.96 -18.75 -10.64
CA MET A 267 -11.13 -18.19 -9.99
C MET A 267 -10.66 -17.05 -9.08
N ALA A 268 -11.11 -15.82 -9.37
CA ALA A 268 -10.72 -14.64 -8.61
C ALA A 268 -11.36 -14.38 -7.27
N HIS A 269 -10.52 -13.91 -6.34
CA HIS A 269 -10.90 -13.50 -4.98
C HIS A 269 -11.19 -14.64 -3.99
N CYS A 270 -12.27 -15.39 -4.26
CA CYS A 270 -12.69 -16.51 -3.41
C CYS A 270 -12.54 -16.15 -1.93
N ILE A 271 -13.17 -15.05 -1.54
CA ILE A 271 -13.09 -14.58 -0.16
C ILE A 271 -14.03 -15.27 0.83
N HIS A 272 -15.30 -15.38 0.46
CA HIS A 272 -16.31 -15.99 1.33
C HIS A 272 -16.72 -17.43 0.92
N SER A 273 -15.83 -18.13 0.24
CA SER A 273 -16.12 -19.49 -0.22
C SER A 273 -16.48 -20.41 0.96
N SER A 274 -17.54 -21.20 0.79
CA SER A 274 -17.99 -22.13 1.82
C SER A 274 -17.02 -23.32 1.89
N LYS A 275 -17.19 -24.17 2.89
CA LYS A 275 -16.35 -25.34 3.05
C LYS A 275 -16.41 -26.23 1.81
N GLU A 276 -17.61 -26.46 1.30
CA GLU A 276 -17.82 -27.30 0.13
C GLU A 276 -17.19 -26.70 -1.13
N GLU A 277 -17.36 -25.39 -1.31
CA GLU A 277 -16.79 -24.72 -2.47
C GLU A 277 -15.27 -24.85 -2.41
N ILE A 278 -14.72 -24.77 -1.20
CA ILE A 278 -13.29 -24.89 -0.99
C ILE A 278 -12.82 -26.29 -1.36
N ASN A 279 -13.55 -27.30 -0.90
CA ASN A 279 -13.22 -28.68 -1.20
C ASN A 279 -13.29 -28.94 -2.69
N LEU A 280 -14.30 -28.38 -3.36
CA LEU A 280 -14.43 -28.57 -4.79
C LEU A 280 -13.24 -27.94 -5.51
N ILE A 281 -12.88 -26.73 -5.09
CA ILE A 281 -11.74 -26.03 -5.67
C ILE A 281 -10.54 -26.96 -5.58
N LYS A 282 -10.34 -27.51 -4.40
CA LYS A 282 -9.24 -28.44 -4.15
C LYS A 282 -9.37 -29.69 -5.04
N ARG A 283 -10.54 -30.30 -5.00
CA ARG A 283 -10.83 -31.52 -5.77
C ARG A 283 -10.58 -31.35 -7.26
N ASN A 284 -11.14 -30.30 -7.84
CA ASN A 284 -11.00 -30.05 -9.28
C ASN A 284 -9.69 -29.36 -9.65
N ASN A 285 -8.83 -29.13 -8.65
CA ASN A 285 -7.54 -28.49 -8.90
C ASN A 285 -7.67 -27.11 -9.54
N VAL A 286 -8.59 -26.31 -9.01
CA VAL A 286 -8.82 -24.96 -9.49
C VAL A 286 -7.79 -24.05 -8.82
N THR A 287 -7.36 -23.00 -9.52
CA THR A 287 -6.39 -22.07 -8.95
C THR A 287 -7.10 -20.81 -8.44
N ILE A 288 -6.85 -20.47 -7.18
CA ILE A 288 -7.45 -19.29 -6.57
C ILE A 288 -6.54 -18.08 -6.77
N VAL A 289 -7.09 -17.00 -7.29
CA VAL A 289 -6.30 -15.79 -7.48
C VAL A 289 -6.59 -14.82 -6.35
N HIS A 290 -5.64 -14.67 -5.44
CA HIS A 290 -5.77 -13.78 -4.29
C HIS A 290 -5.51 -12.33 -4.76
N CYS A 291 -6.50 -11.46 -4.60
CA CYS A 291 -6.36 -10.05 -5.01
C CYS A 291 -6.60 -9.15 -3.81
N PRO A 292 -5.66 -9.13 -2.87
CA PRO A 292 -5.77 -8.30 -1.64
C PRO A 292 -6.06 -6.81 -1.77
N THR A 293 -5.44 -6.12 -2.73
CA THR A 293 -5.69 -4.68 -2.86
C THR A 293 -7.14 -4.44 -3.27
N SER A 294 -7.65 -5.30 -4.14
CA SER A 294 -9.03 -5.19 -4.58
C SER A 294 -10.00 -5.44 -3.43
N ASN A 295 -9.70 -6.46 -2.62
CA ASN A 295 -10.54 -6.83 -1.49
C ASN A 295 -10.65 -5.67 -0.51
N PHE A 296 -9.56 -4.94 -0.32
CA PHE A 296 -9.56 -3.77 0.56
C PHE A 296 -10.35 -2.62 -0.05
N ASN A 297 -10.00 -2.24 -1.28
CA ASN A 297 -10.65 -1.11 -1.95
C ASN A 297 -12.16 -1.22 -2.10
N LEU A 298 -12.66 -2.42 -2.40
CA LEU A 298 -14.10 -2.59 -2.57
C LEU A 298 -14.77 -3.02 -1.28
N GLY A 299 -13.99 -3.19 -0.22
CA GLY A 299 -14.55 -3.63 1.05
C GLY A 299 -15.19 -5.01 0.93
N SER A 300 -14.60 -5.85 0.10
CA SER A 300 -15.11 -7.20 -0.13
C SER A 300 -14.95 -8.10 1.10
N GLY A 301 -13.78 -8.04 1.71
CA GLY A 301 -13.49 -8.87 2.88
C GLY A 301 -12.02 -9.23 2.83
N MET A 302 -11.58 -10.08 3.76
CA MET A 302 -10.17 -10.47 3.80
C MET A 302 -10.04 -11.99 3.68
N MET A 303 -9.38 -12.43 2.62
CA MET A 303 -9.21 -13.86 2.35
C MET A 303 -8.29 -14.59 3.33
N PRO A 304 -8.71 -15.78 3.80
CA PRO A 304 -7.94 -16.60 4.73
C PRO A 304 -6.96 -17.49 3.94
N VAL A 305 -5.88 -16.88 3.45
CA VAL A 305 -4.89 -17.59 2.64
C VAL A 305 -4.23 -18.80 3.29
N ARG A 306 -3.84 -18.69 4.56
CA ARG A 306 -3.20 -19.82 5.23
C ARG A 306 -4.13 -21.03 5.28
N LYS A 307 -5.42 -20.77 5.50
CA LYS A 307 -6.41 -21.84 5.55
C LYS A 307 -6.42 -22.60 4.23
N TYR A 308 -6.38 -21.86 3.12
CA TYR A 308 -6.39 -22.47 1.80
C TYR A 308 -5.08 -23.19 1.51
N LEU A 309 -3.96 -22.57 1.88
CA LEU A 309 -2.66 -23.19 1.66
C LEU A 309 -2.51 -24.45 2.50
N ASN A 310 -3.13 -24.49 3.68
CA ASN A 310 -3.03 -25.67 4.51
C ASN A 310 -3.73 -26.85 3.84
N LEU A 311 -4.75 -26.55 3.04
CA LEU A 311 -5.50 -27.58 2.32
C LEU A 311 -4.85 -27.99 1.01
N GLY A 312 -3.71 -27.39 0.68
CA GLY A 312 -3.02 -27.71 -0.56
C GLY A 312 -3.61 -27.06 -1.80
N ILE A 313 -4.47 -26.06 -1.59
CA ILE A 313 -5.10 -25.35 -2.70
C ILE A 313 -4.10 -24.44 -3.40
N ASN A 314 -4.20 -24.36 -4.72
CA ASN A 314 -3.31 -23.52 -5.50
C ASN A 314 -3.71 -22.05 -5.32
N VAL A 315 -2.78 -21.23 -4.86
CA VAL A 315 -3.05 -19.81 -4.66
C VAL A 315 -2.03 -18.93 -5.34
N VAL A 316 -2.51 -18.03 -6.19
CA VAL A 316 -1.66 -17.10 -6.90
C VAL A 316 -2.10 -15.68 -6.58
N LEU A 317 -1.41 -14.69 -7.16
CA LEU A 317 -1.74 -13.29 -6.90
C LEU A 317 -2.20 -12.55 -8.15
N GLY A 318 -3.10 -11.60 -7.95
CA GLY A 318 -3.63 -10.80 -9.04
C GLY A 318 -3.76 -9.35 -8.61
N SER A 319 -3.63 -8.44 -9.56
CA SER A 319 -3.75 -7.02 -9.28
C SER A 319 -5.23 -6.65 -9.31
N ASP A 320 -6.00 -7.37 -10.12
CA ASP A 320 -7.42 -7.08 -10.31
C ASP A 320 -7.61 -5.59 -10.57
N ILE A 321 -6.81 -5.02 -11.47
CA ILE A 321 -6.92 -3.60 -11.68
C ILE A 321 -8.22 -2.91 -11.96
N SER A 322 -8.26 -1.76 -11.32
CA SER A 322 -9.33 -0.81 -11.29
C SER A 322 -9.83 -0.98 -9.88
N ALA A 323 -10.34 -2.16 -9.57
CA ALA A 323 -10.82 -2.49 -8.23
C ALA A 323 -9.53 -2.40 -7.42
N GLY A 324 -8.52 -3.15 -7.87
CA GLY A 324 -7.21 -3.10 -7.24
C GLY A 324 -6.63 -1.81 -7.81
N HIS A 325 -5.99 -1.00 -6.97
CA HIS A 325 -5.45 0.29 -7.42
C HIS A 325 -4.06 0.30 -8.05
N THR A 326 -3.40 -0.86 -8.18
CA THR A 326 -2.06 -0.84 -8.73
C THR A 326 -1.66 -2.04 -9.59
N CYS A 327 -0.89 -1.76 -10.64
CA CYS A 327 -0.40 -2.80 -11.54
C CYS A 327 0.83 -3.48 -10.96
N SER A 328 1.43 -2.87 -9.94
CA SER A 328 2.63 -3.44 -9.31
C SER A 328 2.29 -4.68 -8.48
N LEU A 329 2.81 -5.82 -8.90
CA LEU A 329 2.53 -7.05 -8.16
C LEU A 329 3.38 -7.03 -6.89
N PHE A 330 4.40 -6.17 -6.87
CA PHE A 330 5.23 -6.07 -5.68
C PHE A 330 4.38 -5.47 -4.58
N LYS A 331 3.56 -4.49 -4.93
CA LYS A 331 2.67 -3.88 -3.96
C LYS A 331 1.61 -4.91 -3.56
N VAL A 332 1.20 -5.76 -4.51
CA VAL A 332 0.21 -6.78 -4.19
C VAL A 332 0.83 -7.76 -3.18
N ILE A 333 2.12 -8.06 -3.36
CA ILE A 333 2.84 -8.95 -2.45
C ILE A 333 2.79 -8.38 -1.03
N ALA A 334 3.06 -7.09 -0.88
CA ALA A 334 3.03 -6.45 0.43
C ALA A 334 1.64 -6.52 1.07
N TYR A 335 0.60 -6.20 0.28
CA TYR A 335 -0.77 -6.24 0.78
C TYR A 335 -1.23 -7.65 1.16
N ALA A 336 -0.76 -8.66 0.45
CA ALA A 336 -1.12 -10.04 0.74
C ALA A 336 -0.53 -10.40 2.10
N ILE A 337 0.70 -9.99 2.33
CA ILE A 337 1.34 -10.27 3.61
C ILE A 337 0.59 -9.55 4.73
N GLN A 338 0.33 -8.27 4.53
CA GLN A 338 -0.37 -7.48 5.53
C GLN A 338 -1.75 -8.03 5.83
N ASN A 339 -2.46 -8.46 4.77
CA ASN A 339 -3.78 -9.04 4.94
C ASN A 339 -3.66 -10.32 5.78
N SER A 340 -2.62 -11.11 5.52
CA SER A 340 -2.43 -12.35 6.24
C SER A 340 -2.03 -12.13 7.70
N LYS A 341 -1.43 -10.99 7.99
CA LYS A 341 -1.03 -10.69 9.36
C LYS A 341 -2.24 -10.44 10.23
N ILE A 342 -3.31 -9.92 9.64
CA ILE A 342 -4.53 -9.67 10.37
C ILE A 342 -5.23 -11.02 10.59
N LYS A 343 -5.22 -11.88 9.58
CA LYS A 343 -5.86 -13.19 9.71
C LYS A 343 -5.13 -13.94 10.83
N TRP A 344 -3.81 -13.77 10.86
CA TRP A 344 -2.97 -14.41 11.87
C TRP A 344 -3.38 -13.95 13.26
N GLN A 345 -3.54 -12.65 13.39
CA GLN A 345 -3.91 -12.06 14.66
C GLN A 345 -5.34 -12.40 15.10
N GLU A 346 -6.28 -12.42 14.17
CA GLU A 346 -7.67 -12.74 14.51
C GLU A 346 -7.82 -14.21 14.91
N SER A 347 -6.95 -15.07 14.37
CA SER A 347 -7.00 -16.49 14.66
C SER A 347 -6.24 -16.82 15.96
N GLY A 348 -5.87 -15.80 16.72
CA GLY A 348 -5.13 -16.05 17.95
C GLY A 348 -3.73 -16.54 17.65
N LYS A 349 -3.17 -16.02 16.56
CA LYS A 349 -1.82 -16.37 16.12
C LYS A 349 -1.67 -17.84 15.75
N LYS A 350 -2.76 -18.45 15.32
CA LYS A 350 -2.72 -19.86 14.93
C LYS A 350 -2.40 -20.02 13.45
N ASP A 351 -2.97 -19.16 12.62
CA ASP A 351 -2.73 -19.23 11.17
C ASP A 351 -1.59 -18.29 10.81
N MET A 352 -0.39 -18.84 10.75
CA MET A 352 0.80 -18.06 10.44
C MET A 352 0.64 -17.17 9.22
N PHE A 353 1.05 -15.92 9.36
CA PHE A 353 0.97 -14.99 8.24
C PHE A 353 1.98 -15.41 7.17
N LEU A 354 1.86 -14.85 5.98
CA LEU A 354 2.76 -15.19 4.89
C LEU A 354 4.16 -14.62 5.07
N SER A 355 5.17 -15.41 4.77
CA SER A 355 6.54 -14.94 4.85
C SER A 355 6.79 -14.24 3.51
N THR A 356 7.85 -13.47 3.42
CA THR A 356 8.16 -12.78 2.18
C THR A 356 8.38 -13.77 1.03
N SER A 357 9.06 -14.88 1.31
CA SER A 357 9.31 -15.88 0.28
C SER A 357 8.04 -16.56 -0.22
N GLU A 358 7.07 -16.75 0.67
CA GLU A 358 5.80 -17.39 0.28
C GLU A 358 5.00 -16.52 -0.68
N ALA A 359 4.90 -15.23 -0.37
CA ALA A 359 4.17 -14.31 -1.23
C ALA A 359 4.92 -14.10 -2.54
N PHE A 360 6.24 -14.03 -2.45
CA PHE A 360 7.09 -13.86 -3.63
C PHE A 360 6.96 -15.11 -4.50
N TYR A 361 6.82 -16.26 -3.84
CA TYR A 361 6.66 -17.53 -4.53
C TYR A 361 5.37 -17.52 -5.36
N MET A 362 4.28 -17.01 -4.75
CA MET A 362 3.00 -16.92 -5.43
C MET A 362 3.13 -16.06 -6.70
N ALA A 363 3.84 -14.95 -6.55
CA ALA A 363 4.05 -13.98 -7.62
C ALA A 363 4.98 -14.47 -8.73
N THR A 364 5.89 -15.38 -8.40
CA THR A 364 6.83 -15.86 -9.39
C THR A 364 6.62 -17.31 -9.85
N LYS A 365 7.25 -18.26 -9.17
CA LYS A 365 7.14 -19.66 -9.57
C LYS A 365 5.73 -20.25 -9.63
N LYS A 366 4.92 -19.97 -8.61
CA LYS A 366 3.56 -20.52 -8.60
C LYS A 366 2.68 -19.93 -9.71
N GLY A 367 2.63 -18.60 -9.79
CA GLY A 367 1.83 -17.96 -10.81
C GLY A 367 2.38 -18.26 -12.19
N GLY A 368 3.70 -18.23 -12.31
CA GLY A 368 4.33 -18.51 -13.58
C GLY A 368 3.98 -19.89 -14.11
N SER A 369 3.76 -20.85 -13.22
CA SER A 369 3.45 -22.21 -13.64
C SER A 369 2.17 -22.31 -14.47
N PHE A 370 1.31 -21.30 -14.38
CA PHE A 370 0.07 -21.33 -15.15
C PHE A 370 0.39 -21.09 -16.63
N PHE A 371 1.50 -20.39 -16.88
CA PHE A 371 1.93 -20.06 -18.24
C PHE A 371 2.91 -21.06 -18.83
N GLY A 372 3.53 -21.87 -17.96
CA GLY A 372 4.49 -22.85 -18.41
C GLY A 372 5.64 -22.95 -17.40
N LYS A 373 6.84 -23.22 -17.88
CA LYS A 373 7.99 -23.29 -16.98
C LYS A 373 8.60 -21.91 -16.87
N VAL A 374 7.96 -21.05 -16.07
CA VAL A 374 8.41 -19.68 -15.88
C VAL A 374 8.22 -19.28 -14.41
N GLY A 375 9.06 -18.37 -13.92
CA GLY A 375 8.92 -17.94 -12.54
C GLY A 375 10.03 -18.37 -11.60
N SER A 376 11.05 -19.03 -12.11
CA SER A 376 12.17 -19.47 -11.28
C SER A 376 13.43 -19.61 -12.15
N PHE A 377 14.60 -19.44 -11.53
CA PHE A 377 15.83 -19.55 -12.29
C PHE A 377 16.39 -20.97 -12.18
N GLU A 378 15.75 -21.88 -12.90
CA GLU A 378 16.14 -23.28 -12.94
C GLU A 378 16.21 -23.74 -14.40
N GLU A 379 17.05 -24.72 -14.66
CA GLU A 379 17.21 -25.24 -16.02
C GLU A 379 15.90 -25.58 -16.70
N GLY A 380 15.76 -25.17 -17.95
CA GLY A 380 14.55 -25.46 -18.69
C GLY A 380 13.47 -24.38 -18.62
N TYR A 381 13.62 -23.44 -17.70
CA TYR A 381 12.62 -22.37 -17.54
C TYR A 381 12.84 -21.19 -18.48
N ASP A 382 11.74 -20.59 -18.93
CA ASP A 382 11.84 -19.43 -19.79
C ASP A 382 12.50 -18.34 -18.97
N PHE A 383 13.31 -17.51 -19.61
CA PHE A 383 13.96 -16.45 -18.87
C PHE A 383 13.13 -15.18 -18.81
N ASP A 384 12.21 -15.13 -17.85
CA ASP A 384 11.37 -13.95 -17.61
C ASP A 384 12.04 -13.38 -16.36
N ALA A 385 12.64 -12.20 -16.48
CA ALA A 385 13.33 -11.62 -15.34
C ALA A 385 13.34 -10.11 -15.30
N LEU A 386 13.68 -9.58 -14.13
CA LEU A 386 13.76 -8.14 -13.90
C LEU A 386 15.10 -7.82 -13.26
N VAL A 387 15.68 -6.67 -13.62
CA VAL A 387 16.94 -6.26 -13.01
C VAL A 387 16.55 -5.10 -12.11
N ILE A 388 16.83 -5.26 -10.82
CA ILE A 388 16.49 -4.26 -9.83
C ILE A 388 17.70 -3.45 -9.37
N ASN A 389 17.62 -2.13 -9.54
CA ASN A 389 18.68 -1.22 -9.13
C ASN A 389 18.12 -0.50 -7.91
N ASP A 390 18.60 -0.87 -6.73
CA ASP A 390 18.14 -0.26 -5.48
C ASP A 390 19.18 0.66 -4.87
N SER A 391 19.97 1.34 -5.71
CA SER A 391 21.01 2.23 -5.22
C SER A 391 20.51 3.42 -4.38
N ASN A 392 19.22 3.72 -4.43
CA ASN A 392 18.69 4.84 -3.66
C ASN A 392 18.13 4.37 -2.31
N LEU A 393 18.31 3.09 -2.00
CA LEU A 393 17.80 2.53 -0.75
C LEU A 393 18.91 2.07 0.21
N TYR A 394 20.04 2.77 0.19
CA TYR A 394 21.16 2.44 1.06
C TYR A 394 21.42 0.92 1.07
N PRO A 395 21.47 0.31 -0.13
CA PRO A 395 21.70 -1.14 -0.22
C PRO A 395 22.95 -1.65 0.49
N GLU A 396 23.95 -0.79 0.64
CA GLU A 396 25.18 -1.20 1.30
C GLU A 396 24.97 -1.67 2.74
N ASP A 397 23.87 -1.25 3.37
CA ASP A 397 23.58 -1.61 4.76
C ASP A 397 22.70 -2.84 4.96
N TYR A 398 22.39 -3.57 3.89
CA TYR A 398 21.50 -4.72 4.02
C TYR A 398 21.96 -5.91 3.21
N ASP A 399 21.55 -7.10 3.61
CA ASP A 399 21.90 -8.30 2.86
C ASP A 399 20.91 -8.39 1.71
N LEU A 400 21.10 -9.34 0.80
CA LEU A 400 20.22 -9.46 -0.36
C LEU A 400 18.74 -9.66 -0.06
N THR A 401 18.43 -10.48 0.94
CA THR A 401 17.04 -10.73 1.29
C THR A 401 16.38 -9.44 1.79
N GLU A 402 17.10 -8.70 2.63
CA GLU A 402 16.57 -7.43 3.15
C GLU A 402 16.40 -6.42 2.03
N ARG A 403 17.28 -6.47 1.05
CA ARG A 403 17.20 -5.54 -0.08
C ARG A 403 15.95 -5.80 -0.91
N LEU A 404 15.65 -7.07 -1.15
CA LEU A 404 14.45 -7.41 -1.92
C LEU A 404 13.21 -6.98 -1.15
N GLU A 405 13.19 -7.25 0.16
CA GLU A 405 12.05 -6.86 0.98
C GLU A 405 11.87 -5.35 0.97
N ARG A 406 12.98 -4.62 1.05
CA ARG A 406 12.89 -3.16 1.03
C ARG A 406 12.43 -2.66 -0.34
N PHE A 407 12.80 -3.35 -1.40
CA PHE A 407 12.36 -2.94 -2.73
C PHE A 407 10.83 -3.09 -2.77
N ILE A 408 10.36 -4.21 -2.22
CA ILE A 408 8.94 -4.51 -2.18
C ILE A 408 8.13 -3.48 -1.38
N TYR A 409 8.59 -3.20 -0.16
CA TYR A 409 7.90 -2.26 0.70
C TYR A 409 8.14 -0.78 0.41
N LEU A 410 9.38 -0.44 0.09
CA LEU A 410 9.74 0.97 -0.14
C LEU A 410 10.03 1.37 -1.58
N GLY A 411 10.29 0.40 -2.46
CA GLY A 411 10.61 0.74 -3.83
C GLY A 411 9.45 0.89 -4.79
N ASP A 412 9.78 1.09 -6.07
CA ASP A 412 8.76 1.23 -7.10
C ASP A 412 9.39 0.98 -8.48
N ASP A 413 8.65 1.29 -9.54
CA ASP A 413 9.12 1.06 -10.90
C ASP A 413 10.44 1.76 -11.24
N ARG A 414 10.77 2.82 -10.50
CA ARG A 414 12.03 3.53 -10.75
C ARG A 414 13.23 2.62 -10.54
N ASN A 415 13.06 1.59 -9.71
CA ASN A 415 14.13 0.65 -9.41
C ASN A 415 14.23 -0.49 -10.44
N ILE A 416 13.25 -0.59 -11.33
CA ILE A 416 13.27 -1.64 -12.33
C ILE A 416 14.04 -1.12 -13.53
N MET A 417 15.26 -1.63 -13.68
CA MET A 417 16.17 -1.21 -14.75
C MET A 417 16.00 -1.94 -16.10
N LYS A 418 15.61 -3.21 -16.05
CA LYS A 418 15.42 -3.98 -17.26
C LYS A 418 14.39 -5.09 -17.10
N ARG A 419 13.73 -5.46 -18.19
CA ARG A 419 12.73 -6.52 -18.19
C ARG A 419 13.06 -7.52 -19.29
N TYR A 420 12.82 -8.80 -19.02
CA TYR A 420 13.09 -9.86 -19.99
C TYR A 420 11.96 -10.88 -19.98
N VAL A 421 11.56 -11.33 -21.16
CA VAL A 421 10.52 -12.34 -21.31
C VAL A 421 11.08 -13.31 -22.34
N CYS A 422 11.25 -14.57 -21.93
CA CYS A 422 11.81 -15.58 -22.81
C CYS A 422 13.16 -15.16 -23.36
N GLY A 423 13.99 -14.56 -22.51
CA GLY A 423 15.32 -14.15 -22.93
C GLY A 423 15.41 -12.85 -23.73
N ASN A 424 14.27 -12.28 -24.11
CA ASN A 424 14.26 -11.05 -24.89
C ASN A 424 13.98 -9.82 -24.05
N GLU A 425 14.79 -8.77 -24.22
CA GLU A 425 14.57 -7.56 -23.45
C GLU A 425 13.31 -6.88 -23.92
N ILE A 426 12.45 -6.51 -22.97
CA ILE A 426 11.20 -5.84 -23.28
C ILE A 426 11.37 -4.35 -23.00
N PHE A 427 10.84 -3.52 -23.89
CA PHE A 427 10.92 -2.07 -23.75
C PHE A 427 9.51 -1.48 -23.69
N ASN B 9 8.43 40.19 3.87
CA ASN B 9 8.59 39.19 2.78
C ASN B 9 7.22 38.83 2.19
N LEU B 10 7.05 39.12 0.91
CA LEU B 10 5.80 38.86 0.20
C LEU B 10 5.99 37.89 -0.96
N LYS B 11 5.13 36.88 -1.03
CA LYS B 11 5.21 35.88 -2.10
C LYS B 11 3.81 35.57 -2.61
N ILE B 12 3.70 35.35 -3.92
CA ILE B 12 2.42 35.05 -4.53
C ILE B 12 2.52 33.76 -5.35
N PHE B 13 1.64 32.81 -5.04
CA PHE B 13 1.62 31.53 -5.72
C PHE B 13 0.33 31.35 -6.53
N LYS B 14 0.46 30.76 -7.70
CA LYS B 14 -0.70 30.51 -8.55
C LYS B 14 -0.71 29.05 -8.98
N GLY B 15 -1.88 28.41 -8.90
CA GLY B 15 -2.00 27.02 -9.30
C GLY B 15 -3.35 26.48 -8.94
N ASN B 16 -3.55 25.18 -9.18
CA ASN B 16 -4.82 24.54 -8.85
C ASN B 16 -4.75 24.13 -7.38
N LEU B 17 -5.53 24.82 -6.56
CA LEU B 17 -5.55 24.57 -5.13
C LEU B 17 -6.58 23.54 -4.71
N ILE B 18 -6.16 22.60 -3.85
CA ILE B 18 -7.06 21.59 -3.33
C ILE B 18 -6.78 21.46 -1.84
N PHE B 19 -7.82 21.63 -1.03
CA PHE B 19 -7.65 21.51 0.41
C PHE B 19 -8.98 21.19 1.09
N THR B 20 -8.95 20.97 2.40
CA THR B 20 -10.15 20.65 3.13
C THR B 20 -10.37 21.55 4.35
N LYS B 21 -11.36 22.43 4.26
CA LYS B 21 -11.71 23.32 5.36
C LYS B 21 -12.42 22.47 6.40
N THR B 22 -13.19 21.50 5.91
CA THR B 22 -13.93 20.55 6.73
C THR B 22 -13.59 19.17 6.17
N SER B 23 -13.90 18.12 6.93
CA SER B 23 -13.57 16.76 6.48
C SER B 23 -14.51 16.18 5.43
N ASP B 24 -15.73 16.69 5.36
CA ASP B 24 -16.71 16.17 4.43
C ASP B 24 -16.47 16.43 2.95
N LYS B 25 -15.73 17.47 2.60
CA LYS B 25 -15.49 17.76 1.19
C LYS B 25 -14.23 18.55 0.91
N PHE B 26 -13.81 18.52 -0.35
CA PHE B 26 -12.64 19.25 -0.80
C PHE B 26 -13.07 20.62 -1.28
N THR B 27 -12.19 21.59 -1.13
CA THR B 27 -12.43 22.93 -1.64
C THR B 27 -11.45 22.96 -2.79
N ILE B 28 -11.97 23.21 -3.98
CA ILE B 28 -11.12 23.22 -5.17
C ILE B 28 -11.14 24.59 -5.84
N MET B 29 -9.95 25.13 -6.06
CA MET B 29 -9.83 26.43 -6.69
C MET B 29 -8.83 26.39 -7.84
N LYS B 30 -9.37 26.22 -9.04
CA LYS B 30 -8.54 26.14 -10.24
C LYS B 30 -7.86 27.48 -10.53
N ASP B 31 -6.62 27.40 -11.02
CA ASP B 31 -5.84 28.59 -11.36
C ASP B 31 -6.08 29.75 -10.41
N SER B 32 -5.98 29.51 -9.11
CA SER B 32 -6.19 30.57 -8.13
C SER B 32 -4.90 31.04 -7.45
N TYR B 33 -4.98 32.14 -6.71
CA TYR B 33 -3.81 32.73 -6.06
C TYR B 33 -3.79 32.67 -4.54
N ILE B 34 -2.59 32.51 -4.00
CA ILE B 34 -2.38 32.49 -2.56
C ILE B 34 -1.30 33.51 -2.27
N VAL B 35 -1.66 34.58 -1.58
CA VAL B 35 -0.68 35.60 -1.25
C VAL B 35 -0.15 35.30 0.15
N VAL B 36 1.17 35.18 0.27
CA VAL B 36 1.81 34.87 1.53
C VAL B 36 2.70 36.01 2.03
N ILE B 37 2.45 36.45 3.26
CA ILE B 37 3.22 37.53 3.87
C ILE B 37 3.78 37.02 5.19
N ASP B 38 5.11 37.11 5.30
CA ASP B 38 5.80 36.65 6.51
C ASP B 38 5.41 35.23 6.87
N GLY B 39 5.26 34.38 5.85
CA GLY B 39 4.93 32.99 6.07
C GLY B 39 3.49 32.62 6.31
N LYS B 40 2.58 33.58 6.36
CA LYS B 40 1.18 33.28 6.61
C LYS B 40 0.29 33.69 5.45
N ILE B 41 -0.79 32.95 5.26
CA ILE B 41 -1.74 33.23 4.18
C ILE B 41 -2.45 34.56 4.38
N ALA B 42 -2.20 35.48 3.46
CA ALA B 42 -2.82 36.80 3.51
C ALA B 42 -4.17 36.71 2.81
N SER B 43 -4.22 36.04 1.67
CA SER B 43 -5.46 35.87 0.94
C SER B 43 -5.40 34.70 -0.03
N VAL B 44 -6.57 34.16 -0.35
CA VAL B 44 -6.71 33.04 -1.27
C VAL B 44 -7.92 33.35 -2.12
N SER B 45 -7.72 33.60 -3.40
CA SER B 45 -8.82 33.93 -4.29
C SER B 45 -8.53 33.58 -5.73
N SER B 46 -9.59 33.39 -6.50
CA SER B 46 -9.47 33.05 -7.92
C SER B 46 -8.79 34.18 -8.68
N ASN B 47 -9.02 35.42 -8.25
CA ASN B 47 -8.41 36.57 -8.91
C ASN B 47 -7.48 37.30 -7.96
N LEU B 48 -6.32 37.71 -8.48
CA LEU B 48 -5.33 38.44 -7.70
C LEU B 48 -5.70 39.91 -7.59
N PRO B 49 -5.74 40.45 -6.37
CA PRO B 49 -6.08 41.87 -6.13
C PRO B 49 -5.18 42.82 -6.89
N ASP B 50 -5.70 44.00 -7.23
CA ASP B 50 -4.93 45.01 -7.96
C ASP B 50 -3.73 45.44 -7.14
N LYS B 51 -3.84 45.33 -5.82
CA LYS B 51 -2.78 45.72 -4.90
C LYS B 51 -1.44 45.06 -5.19
N TYR B 52 -1.45 43.90 -5.83
CA TYR B 52 -0.22 43.16 -6.12
C TYR B 52 0.12 43.05 -7.61
N LYS B 53 -0.53 43.85 -8.44
CA LYS B 53 -0.33 43.82 -9.88
C LYS B 53 1.13 43.90 -10.34
N GLY B 54 2.02 44.43 -9.51
CA GLY B 54 3.41 44.54 -9.89
C GLY B 54 4.33 43.48 -9.32
N ASN B 55 3.80 42.64 -8.43
CA ASN B 55 4.59 41.59 -7.81
C ASN B 55 4.73 40.35 -8.69
N PRO B 56 5.90 39.69 -8.64
CA PRO B 56 6.10 38.49 -9.46
C PRO B 56 5.17 37.37 -9.00
N ILE B 57 4.74 36.55 -9.94
CA ILE B 57 3.85 35.44 -9.64
C ILE B 57 4.58 34.11 -9.83
N ILE B 58 4.59 33.27 -8.81
CA ILE B 58 5.23 31.96 -8.92
C ILE B 58 4.08 31.15 -9.49
N ASP B 59 4.09 30.99 -10.81
CA ASP B 59 3.03 30.28 -11.53
C ASP B 59 3.30 28.80 -11.69
N PHE B 60 2.49 27.96 -11.02
CA PHE B 60 2.68 26.52 -11.11
C PHE B 60 1.82 25.91 -12.21
N ARG B 61 1.17 26.76 -12.99
CA ARG B 61 0.35 26.34 -14.11
C ARG B 61 -0.70 25.28 -13.78
N ASN B 62 -0.65 24.16 -14.49
CA ASN B 62 -1.62 23.09 -14.29
C ASN B 62 -1.31 22.14 -13.15
N ASN B 63 -0.22 22.39 -12.43
CA ASN B 63 0.15 21.55 -11.31
C ASN B 63 -0.81 21.77 -10.15
N ILE B 64 -0.79 20.84 -9.20
CA ILE B 64 -1.66 20.92 -8.04
C ILE B 64 -0.94 21.42 -6.80
N ILE B 65 -1.64 22.24 -6.02
CA ILE B 65 -1.05 22.76 -4.80
C ILE B 65 -1.94 22.29 -3.65
N ILE B 66 -1.34 21.57 -2.72
CA ILE B 66 -2.05 21.05 -1.55
C ILE B 66 -1.23 21.35 -0.32
N PRO B 67 -1.86 21.39 0.86
CA PRO B 67 -1.08 21.66 2.07
C PRO B 67 -0.14 20.49 2.36
N GLY B 68 0.88 20.73 3.17
CA GLY B 68 1.83 19.67 3.49
C GLY B 68 1.24 18.57 4.35
N MET B 69 1.97 17.46 4.48
CA MET B 69 1.51 16.34 5.28
C MET B 69 1.98 16.50 6.72
N ASN B 70 1.08 16.24 7.66
CA ASN B 70 1.39 16.34 9.08
C ASN B 70 1.31 14.93 9.67
N ASP B 71 2.50 14.35 9.88
CA ASP B 71 2.66 13.01 10.42
C ASP B 71 2.71 13.11 11.94
N LEU B 72 1.66 12.65 12.62
CA LEU B 72 1.61 12.76 14.07
C LEU B 72 2.19 11.64 14.93
N HIS B 73 2.96 10.76 14.33
CA HIS B 73 3.61 9.69 15.08
C HIS B 73 4.60 8.88 14.24
N ALA B 74 5.88 9.02 14.57
CA ALA B 74 6.93 8.30 13.88
C ALA B 74 8.14 8.17 14.78
N HIS B 75 8.82 7.04 14.68
CA HIS B 75 10.00 6.78 15.49
C HIS B 75 11.22 7.06 14.62
N ALA B 76 11.77 8.26 14.77
CA ALA B 76 12.93 8.73 14.02
C ALA B 76 14.12 7.80 14.06
N SER B 77 14.36 7.21 15.22
CA SER B 77 15.49 6.33 15.45
C SER B 77 15.34 4.93 14.86
N GLN B 78 14.20 4.65 14.24
CA GLN B 78 13.94 3.33 13.66
C GLN B 78 14.05 3.33 12.13
N TYR B 79 14.48 4.45 11.57
CA TYR B 79 14.61 4.60 10.13
C TYR B 79 15.29 3.44 9.40
N LYS B 80 16.34 2.88 9.99
CA LYS B 80 17.07 1.80 9.35
C LYS B 80 16.30 0.48 9.22
N ASN B 81 15.24 0.31 10.01
CA ASN B 81 14.47 -0.92 9.93
C ASN B 81 13.26 -0.89 9.00
N LEU B 82 13.15 0.17 8.21
CA LEU B 82 12.05 0.30 7.27
C LEU B 82 12.07 -0.87 6.29
N GLY B 83 10.91 -1.50 6.11
CA GLY B 83 10.80 -2.60 5.18
C GLY B 83 11.33 -3.94 5.63
N ILE B 84 11.90 -4.02 6.82
CA ILE B 84 12.43 -5.30 7.32
C ILE B 84 12.06 -5.58 8.77
N GLY B 85 12.28 -6.82 9.19
CA GLY B 85 11.98 -7.21 10.56
C GLY B 85 10.56 -6.93 11.00
N MET B 86 9.58 -7.36 10.22
CA MET B 86 8.18 -7.16 10.58
C MET B 86 7.50 -8.50 10.79
N ASP B 87 8.29 -9.52 11.10
CA ASP B 87 7.77 -10.86 11.32
C ASP B 87 7.54 -11.22 12.79
N LYS B 88 7.21 -10.22 13.61
CA LYS B 88 6.94 -10.45 15.02
C LYS B 88 5.93 -9.40 15.48
N GLU B 89 5.09 -9.76 16.45
CA GLU B 89 4.13 -8.80 16.96
C GLU B 89 4.87 -7.83 17.88
N LEU B 90 4.18 -6.76 18.29
CA LEU B 90 4.77 -5.70 19.12
C LEU B 90 5.90 -6.04 20.10
N LEU B 91 5.56 -6.66 21.22
CA LEU B 91 6.57 -6.95 22.24
C LEU B 91 7.83 -7.68 21.76
N PRO B 92 7.70 -8.86 21.14
CA PRO B 92 8.92 -9.53 20.68
C PRO B 92 9.64 -8.76 19.57
N TRP B 93 8.88 -7.93 18.84
CA TRP B 93 9.44 -7.11 17.77
C TRP B 93 10.38 -6.09 18.41
N LEU B 94 9.93 -5.51 19.51
CA LEU B 94 10.70 -4.51 20.26
C LEU B 94 11.98 -5.13 20.84
N ASN B 95 11.86 -6.30 21.46
CA ASN B 95 13.00 -6.98 22.06
C ASN B 95 14.03 -7.48 21.05
N ASN B 96 13.55 -7.90 19.89
CA ASN B 96 14.43 -8.45 18.86
C ASN B 96 14.95 -7.50 17.79
N TYR B 97 14.16 -6.52 17.39
CA TYR B 97 14.58 -5.60 16.34
C TYR B 97 14.73 -4.13 16.71
N THR B 98 13.70 -3.57 17.35
CA THR B 98 13.70 -2.16 17.71
C THR B 98 14.65 -1.71 18.82
N PHE B 99 14.61 -2.37 19.97
CA PHE B 99 15.50 -1.96 21.05
C PHE B 99 16.97 -2.06 20.65
N PRO B 100 17.36 -3.14 19.96
CA PRO B 100 18.76 -3.29 19.54
C PRO B 100 19.20 -2.17 18.59
N GLU B 101 18.29 -1.70 17.74
CA GLU B 101 18.60 -0.64 16.80
C GLU B 101 18.69 0.71 17.49
N GLU B 102 17.73 0.98 18.39
CA GLU B 102 17.72 2.24 19.13
C GLU B 102 18.92 2.36 20.05
N ALA B 103 19.46 1.23 20.48
CA ALA B 103 20.61 1.21 21.38
C ALA B 103 21.84 1.81 20.71
N LYS B 104 21.87 1.74 19.38
CA LYS B 104 23.01 2.26 18.62
C LYS B 104 23.07 3.78 18.64
N PHE B 105 22.00 4.43 19.07
CA PHE B 105 22.00 5.89 19.11
C PHE B 105 22.78 6.46 20.29
N LEU B 106 23.50 5.57 20.99
CA LEU B 106 24.34 5.99 22.10
C LEU B 106 25.50 6.72 21.39
N ASN B 107 25.78 6.27 20.17
CA ASN B 107 26.84 6.86 19.35
C ASN B 107 26.23 8.02 18.58
N VAL B 108 26.62 9.24 18.91
CA VAL B 108 26.08 10.42 18.27
C VAL B 108 26.32 10.49 16.76
N ASP B 109 27.40 9.88 16.29
CA ASP B 109 27.70 9.89 14.86
C ASP B 109 26.73 8.98 14.10
N TYR B 110 26.40 7.85 14.70
CA TYR B 110 25.45 6.93 14.08
C TYR B 110 24.11 7.66 14.02
N ALA B 111 23.82 8.43 15.06
CA ALA B 111 22.58 9.17 15.14
C ALA B 111 22.50 10.24 14.06
N LYS B 112 23.58 11.00 13.88
CA LYS B 112 23.62 12.07 12.89
C LYS B 112 23.45 11.50 11.48
N LYS B 113 24.11 10.36 11.23
CA LYS B 113 24.02 9.71 9.93
C LYS B 113 22.59 9.22 9.69
N THR B 114 22.07 8.43 10.62
CA THR B 114 20.73 7.87 10.47
C THR B 114 19.63 8.94 10.47
N TYR B 115 19.68 9.88 11.41
CA TYR B 115 18.68 10.93 11.46
C TYR B 115 18.75 11.82 10.21
N GLY B 116 19.92 11.88 9.59
CA GLY B 116 20.09 12.69 8.40
C GLY B 116 19.30 12.07 7.25
N ARG B 117 19.37 10.75 7.15
CA ARG B 117 18.65 10.01 6.13
C ARG B 117 17.16 10.15 6.35
N LEU B 118 16.75 10.08 7.62
CA LEU B 118 15.34 10.21 7.99
C LEU B 118 14.75 11.53 7.48
N ILE B 119 15.40 12.63 7.86
CA ILE B 119 14.93 13.95 7.49
C ILE B 119 14.80 14.15 5.97
N LYS B 120 15.77 13.63 5.22
CA LYS B 120 15.71 13.74 3.78
C LYS B 120 14.49 12.98 3.27
N ASP B 121 14.24 11.80 3.84
CA ASP B 121 13.12 10.96 3.44
C ASP B 121 11.79 11.64 3.75
N LEU B 122 11.69 12.28 4.92
CA LEU B 122 10.47 12.96 5.31
C LEU B 122 10.17 14.12 4.37
N ILE B 123 11.19 14.94 4.11
CA ILE B 123 11.04 16.08 3.22
C ILE B 123 10.69 15.61 1.82
N LYS B 124 11.41 14.60 1.35
CA LYS B 124 11.19 14.03 0.03
C LYS B 124 9.73 13.60 -0.15
N ASN B 125 9.15 13.00 0.90
CA ASN B 125 7.78 12.54 0.83
C ASN B 125 6.70 13.56 1.13
N GLY B 126 7.11 14.80 1.38
CA GLY B 126 6.14 15.84 1.62
C GLY B 126 5.62 16.01 3.03
N THR B 127 6.31 15.44 4.01
CA THR B 127 5.90 15.60 5.41
C THR B 127 6.49 16.93 5.87
N THR B 128 5.63 17.88 6.19
CA THR B 128 6.07 19.22 6.61
C THR B 128 6.11 19.47 8.13
N ARG B 129 5.36 18.66 8.88
CA ARG B 129 5.34 18.77 10.34
C ARG B 129 5.26 17.32 10.83
N VAL B 130 6.05 16.97 11.83
CA VAL B 130 6.05 15.59 12.32
C VAL B 130 6.27 15.49 13.81
N ALA B 131 5.55 14.56 14.45
CA ALA B 131 5.70 14.31 15.88
C ALA B 131 6.61 13.09 15.95
N LEU B 132 7.83 13.29 16.45
CA LEU B 132 8.81 12.21 16.52
C LEU B 132 9.17 11.66 17.89
N PHE B 133 9.47 10.36 17.91
CA PHE B 133 9.94 9.67 19.10
C PHE B 133 11.42 9.47 18.75
N ALA B 134 12.32 9.90 19.62
CA ALA B 134 13.75 9.73 19.37
C ALA B 134 14.17 8.45 20.06
N THR B 135 15.15 8.55 20.97
CA THR B 135 15.60 7.42 21.78
C THR B 135 15.79 8.02 23.16
N LEU B 136 16.16 7.19 24.13
CA LEU B 136 16.37 7.68 25.49
C LEU B 136 17.64 8.52 25.63
N HIS B 137 18.53 8.42 24.64
CA HIS B 137 19.80 9.15 24.65
C HIS B 137 19.63 10.65 24.52
N LYS B 138 20.23 11.39 25.45
CA LYS B 138 20.14 12.84 25.46
C LYS B 138 20.91 13.55 24.36
N ASP B 139 22.19 13.23 24.19
CA ASP B 139 23.01 13.88 23.18
C ASP B 139 22.51 13.67 21.77
N SER B 140 22.15 12.43 21.43
CA SER B 140 21.66 12.15 20.09
C SER B 140 20.33 12.86 19.82
N THR B 141 19.47 12.93 20.84
CA THR B 141 18.19 13.60 20.67
C THR B 141 18.38 15.11 20.49
N ILE B 142 19.37 15.66 21.17
CA ILE B 142 19.66 17.09 21.05
C ILE B 142 20.07 17.37 19.61
N GLU B 143 20.85 16.45 19.06
CA GLU B 143 21.33 16.54 17.68
C GLU B 143 20.14 16.53 16.72
N LEU B 144 19.18 15.63 16.98
CA LEU B 144 17.99 15.55 16.15
C LEU B 144 17.27 16.89 16.15
N PHE B 145 17.19 17.51 17.33
CA PHE B 145 16.55 18.82 17.48
C PHE B 145 17.27 19.81 16.56
N ASN B 146 18.60 19.84 16.67
CA ASN B 146 19.42 20.75 15.88
C ASN B 146 19.28 20.50 14.38
N MET B 147 19.28 19.24 13.98
CA MET B 147 19.14 18.92 12.57
C MET B 147 17.78 19.33 12.01
N LEU B 148 16.72 19.14 12.80
CA LEU B 148 15.38 19.52 12.36
C LEU B 148 15.24 21.02 12.22
N ILE B 149 15.88 21.77 13.13
CA ILE B 149 15.84 23.23 13.07
C ILE B 149 16.54 23.68 11.80
N LYS B 150 17.65 23.03 11.46
CA LYS B 150 18.42 23.35 10.25
C LYS B 150 17.61 23.04 8.98
N SER B 151 16.91 21.90 9.00
CA SER B 151 16.12 21.44 7.85
C SER B 151 14.98 22.36 7.45
N GLY B 152 14.41 23.06 8.43
CA GLY B 152 13.32 23.98 8.12
C GLY B 152 11.91 23.41 8.26
N ILE B 153 11.77 22.14 8.61
CA ILE B 153 10.43 21.58 8.78
C ILE B 153 10.03 21.68 10.25
N GLY B 154 8.73 21.61 10.50
CA GLY B 154 8.25 21.69 11.86
C GLY B 154 8.19 20.32 12.51
N ALA B 155 8.32 20.27 13.83
CA ALA B 155 8.29 18.99 14.52
C ALA B 155 8.26 19.08 16.03
N TYR B 156 7.67 18.06 16.64
CA TYR B 156 7.64 17.91 18.08
C TYR B 156 8.64 16.79 18.28
N VAL B 157 9.66 17.03 19.10
CA VAL B 157 10.69 16.01 19.32
C VAL B 157 10.67 15.49 20.73
N GLY B 158 10.66 14.18 20.88
CA GLY B 158 10.57 13.62 22.21
C GLY B 158 11.66 12.61 22.57
N LYS B 159 12.49 13.01 23.53
CA LYS B 159 13.44 12.11 24.08
C LYS B 159 12.57 11.04 24.68
N VAL B 160 12.93 9.77 24.52
CA VAL B 160 12.09 8.70 25.04
C VAL B 160 12.38 8.30 26.48
N ASN B 161 11.35 8.35 27.32
CA ASN B 161 11.49 7.98 28.72
C ASN B 161 11.13 6.51 28.87
N MET B 162 12.08 5.71 29.34
CA MET B 162 11.87 4.27 29.54
C MET B 162 12.86 3.75 30.57
N ASP B 163 12.35 3.45 31.77
CA ASP B 163 13.19 2.98 32.86
C ASP B 163 12.77 1.63 33.44
N TYR B 164 11.57 1.17 33.10
CA TYR B 164 11.07 -0.09 33.64
C TYR B 164 11.12 -1.28 32.69
N ASN B 165 11.65 -2.39 33.19
CA ASN B 165 11.72 -3.64 32.45
C ASN B 165 12.33 -3.48 31.04
N CYS B 166 13.39 -2.69 30.95
CA CYS B 166 14.06 -2.46 29.68
C CYS B 166 15.40 -3.20 29.67
N PRO B 167 15.89 -3.57 28.48
CA PRO B 167 17.17 -4.29 28.38
C PRO B 167 18.33 -3.45 28.94
N ASP B 168 19.41 -4.13 29.33
CA ASP B 168 20.58 -3.45 29.87
C ASP B 168 21.18 -2.46 28.90
N TYR B 169 21.20 -2.82 27.62
CA TYR B 169 21.78 -1.96 26.60
C TYR B 169 20.87 -0.78 26.24
N LEU B 170 19.68 -0.73 26.83
CA LEU B 170 18.76 0.36 26.54
C LEU B 170 17.82 0.68 27.70
N THR B 171 18.38 1.23 28.77
CA THR B 171 17.59 1.60 29.93
C THR B 171 18.20 2.82 30.59
N GLU B 172 17.45 3.43 31.49
CA GLU B 172 17.88 4.61 32.24
C GLU B 172 17.08 4.62 33.54
N ASN B 173 17.54 5.36 34.54
CA ASN B 173 16.77 5.43 35.78
C ASN B 173 15.93 6.69 35.71
N TYR B 174 14.76 6.66 36.35
CA TYR B 174 13.83 7.78 36.30
C TYR B 174 14.37 9.16 36.68
N ILE B 175 15.33 9.20 37.61
CA ILE B 175 15.90 10.46 38.02
C ILE B 175 16.70 11.09 36.88
N THR B 176 17.61 10.32 36.30
CA THR B 176 18.42 10.80 35.19
C THR B 176 17.51 11.08 33.98
N SER B 177 16.50 10.23 33.79
CA SER B 177 15.56 10.39 32.69
C SER B 177 14.86 11.73 32.81
N LEU B 178 14.39 12.05 34.02
CA LEU B 178 13.70 13.31 34.25
C LEU B 178 14.65 14.50 34.14
N ASN B 179 15.88 14.34 34.62
CA ASN B 179 16.85 15.44 34.55
C ASN B 179 17.18 15.79 33.10
N ASP B 180 17.49 14.79 32.29
CA ASP B 180 17.80 15.00 30.88
C ASP B 180 16.61 15.61 30.15
N THR B 181 15.41 15.13 30.47
CA THR B 181 14.20 15.64 29.83
C THR B 181 14.01 17.13 30.12
N GLU B 182 14.24 17.53 31.37
CA GLU B 182 14.08 18.93 31.73
C GLU B 182 15.20 19.78 31.14
N GLU B 183 16.39 19.19 31.05
CA GLU B 183 17.54 19.89 30.47
C GLU B 183 17.18 20.26 29.03
N ILE B 184 16.70 19.27 28.28
CA ILE B 184 16.29 19.47 26.90
C ILE B 184 15.19 20.51 26.79
N ILE B 185 14.21 20.45 27.70
CA ILE B 185 13.10 21.39 27.70
C ILE B 185 13.57 22.84 27.82
N LEU B 186 14.46 23.11 28.77
CA LEU B 186 14.97 24.45 28.98
C LEU B 186 15.83 24.93 27.80
N LYS B 187 16.43 23.97 27.10
CA LYS B 187 17.29 24.31 25.96
C LYS B 187 16.53 24.59 24.66
N TYR B 188 15.31 24.11 24.54
CA TYR B 188 14.54 24.30 23.31
C TYR B 188 13.14 24.90 23.41
N LYS B 189 12.66 25.15 24.62
CA LYS B 189 11.30 25.70 24.77
C LYS B 189 11.24 27.20 24.41
N ASP B 190 12.01 27.61 23.42
CA ASP B 190 12.04 29.00 23.00
C ASP B 190 12.97 29.20 21.82
N LYS B 191 13.96 28.34 21.70
CA LYS B 191 14.94 28.43 20.61
C LYS B 191 14.25 28.48 19.26
N SER B 192 13.59 27.39 18.86
CA SER B 192 12.90 27.34 17.59
C SER B 192 11.41 27.62 17.78
N ASN B 193 10.76 28.04 16.71
CA ASN B 193 9.34 28.34 16.78
C ASN B 193 8.48 27.22 16.19
N ILE B 194 9.10 26.32 15.44
CA ILE B 194 8.35 25.22 14.84
C ILE B 194 8.88 23.85 15.24
N VAL B 195 10.03 23.83 15.90
CA VAL B 195 10.62 22.60 16.39
C VAL B 195 10.57 22.73 17.92
N LYS B 196 9.70 21.95 18.55
CA LYS B 196 9.52 22.02 20.00
C LYS B 196 9.54 20.65 20.71
N PRO B 197 9.76 20.66 22.03
CA PRO B 197 9.81 19.41 22.78
C PRO B 197 8.41 18.90 23.14
N ILE B 198 8.31 17.60 23.41
CA ILE B 198 7.05 16.98 23.78
C ILE B 198 7.35 15.83 24.76
N ILE B 199 6.60 15.78 25.86
CA ILE B 199 6.80 14.75 26.89
C ILE B 199 6.55 13.41 26.26
N THR B 200 7.52 12.50 26.41
CA THR B 200 7.41 11.21 25.75
C THR B 200 7.62 9.90 26.51
N PRO B 201 6.69 9.54 27.40
CA PRO B 201 6.94 8.25 28.07
C PRO B 201 6.73 7.25 26.93
N ARG B 202 7.59 6.25 26.78
CA ARG B 202 7.41 5.33 25.66
C ARG B 202 6.00 4.74 25.66
N PHE B 203 5.62 4.19 26.82
CA PHE B 203 4.29 3.63 27.08
C PHE B 203 4.35 2.90 28.41
N VAL B 204 3.18 2.72 29.04
CA VAL B 204 3.09 2.10 30.36
C VAL B 204 4.02 0.92 30.68
N PRO B 205 4.04 -0.12 29.83
CA PRO B 205 4.90 -1.27 30.08
C PRO B 205 6.39 -1.01 30.35
N SER B 206 6.89 0.17 29.99
CA SER B 206 8.30 0.45 30.24
C SER B 206 8.55 1.71 31.05
N CYS B 207 7.52 2.21 31.72
CA CYS B 207 7.65 3.41 32.53
C CYS B 207 7.15 3.19 33.95
N SER B 208 8.02 3.46 34.92
CA SER B 208 7.69 3.29 36.33
C SER B 208 6.71 4.36 36.76
N ASN B 209 6.07 4.17 37.90
CA ASN B 209 5.12 5.15 38.42
C ASN B 209 5.87 6.45 38.70
N GLU B 210 7.09 6.33 39.21
CA GLU B 210 7.91 7.50 39.53
C GLU B 210 8.17 8.32 38.26
N LEU B 211 8.57 7.64 37.20
CA LEU B 211 8.85 8.31 35.93
C LEU B 211 7.60 9.01 35.39
N MET B 212 6.51 8.26 35.25
CA MET B 212 5.27 8.83 34.73
C MET B 212 4.79 9.99 35.57
N ASP B 213 4.96 9.87 36.88
CA ASP B 213 4.55 10.94 37.78
C ASP B 213 5.42 12.17 37.55
N GLY B 214 6.73 11.94 37.42
CA GLY B 214 7.64 13.04 37.18
C GLY B 214 7.39 13.69 35.83
N LEU B 215 6.99 12.88 34.85
CA LEU B 215 6.71 13.38 33.51
C LEU B 215 5.43 14.21 33.48
N GLY B 216 4.44 13.79 34.27
CA GLY B 216 3.20 14.54 34.33
C GLY B 216 3.46 15.88 34.97
N LYS B 217 4.39 15.91 35.92
CA LYS B 217 4.75 17.14 36.60
C LYS B 217 5.46 18.11 35.65
N LEU B 218 6.32 17.58 34.78
CA LEU B 218 7.03 18.41 33.81
C LEU B 218 6.04 18.96 32.79
N SER B 219 5.14 18.10 32.32
CA SER B 219 4.13 18.49 31.36
C SER B 219 3.35 19.68 31.89
N TYR B 220 2.94 19.59 33.15
CA TYR B 220 2.18 20.67 33.79
C TYR B 220 3.03 21.93 33.96
N LYS B 221 4.21 21.75 34.56
CA LYS B 221 5.12 22.87 34.80
C LYS B 221 5.40 23.71 33.57
N TYR B 222 5.79 23.06 32.48
CA TYR B 222 6.10 23.78 31.25
C TYR B 222 4.96 23.81 30.24
N ARG B 223 3.79 23.35 30.67
CA ARG B 223 2.60 23.34 29.81
C ARG B 223 2.96 22.69 28.47
N LEU B 224 3.57 21.51 28.54
CA LEU B 224 4.01 20.81 27.34
C LEU B 224 3.08 19.69 26.89
N PRO B 225 2.98 19.45 25.57
CA PRO B 225 2.11 18.39 25.08
C PRO B 225 2.72 17.02 25.41
N VAL B 226 1.91 15.98 25.33
CA VAL B 226 2.34 14.62 25.64
C VAL B 226 2.08 13.69 24.44
N GLN B 227 2.90 12.66 24.30
CA GLN B 227 2.69 11.68 23.23
C GLN B 227 3.13 10.31 23.74
N SER B 228 2.30 9.30 23.49
CA SER B 228 2.61 7.93 23.91
C SER B 228 1.81 6.91 23.07
N HIS B 229 1.80 5.65 23.50
CA HIS B 229 1.07 4.60 22.80
C HIS B 229 -0.10 4.11 23.64
N LEU B 230 -1.16 3.65 22.97
CA LEU B 230 -2.33 3.18 23.70
C LEU B 230 -3.08 2.01 23.07
N SER B 231 -3.21 0.93 23.83
CA SER B 231 -3.93 -0.27 23.40
C SER B 231 -3.72 -0.64 21.93
N GLU B 232 -2.47 -0.97 21.60
CA GLU B 232 -2.10 -1.34 20.24
C GLU B 232 -2.05 -2.85 20.04
N ASN B 233 -1.54 -3.54 21.05
CA ASN B 233 -1.35 -4.99 20.99
C ASN B 233 -1.99 -5.66 22.22
N LEU B 234 -2.63 -6.81 22.00
CA LEU B 234 -3.30 -7.52 23.09
C LEU B 234 -2.38 -7.91 24.25
N ASP B 235 -1.22 -8.47 23.95
CA ASP B 235 -0.28 -8.85 25.01
C ASP B 235 0.22 -7.62 25.75
N GLU B 236 0.37 -6.51 25.03
CA GLU B 236 0.80 -5.25 25.65
C GLU B 236 -0.25 -4.84 26.67
N ILE B 237 -1.52 -4.88 26.24
CA ILE B 237 -2.63 -4.51 27.09
C ILE B 237 -2.72 -5.42 28.32
N ALA B 238 -2.45 -6.70 28.12
CA ALA B 238 -2.48 -7.66 29.21
C ALA B 238 -1.38 -7.34 30.23
N VAL B 239 -0.24 -6.85 29.73
CA VAL B 239 0.87 -6.50 30.61
C VAL B 239 0.48 -5.31 31.49
N VAL B 240 -0.16 -4.31 30.89
CA VAL B 240 -0.58 -3.13 31.64
C VAL B 240 -1.54 -3.45 32.79
N LYS B 241 -2.55 -4.27 32.52
CA LYS B 241 -3.51 -4.65 33.56
C LYS B 241 -2.81 -5.46 34.64
N SER B 242 -1.80 -6.21 34.23
CA SER B 242 -1.02 -7.05 35.15
C SER B 242 -0.11 -6.20 36.03
N LEU B 243 0.42 -5.12 35.47
CA LEU B 243 1.31 -4.23 36.21
C LEU B 243 0.49 -3.28 37.08
N HIS B 244 -0.66 -2.85 36.56
CA HIS B 244 -1.53 -1.93 37.28
C HIS B 244 -2.85 -2.65 37.54
N LYS B 245 -2.80 -3.56 38.51
CA LYS B 245 -3.95 -4.38 38.89
C LYS B 245 -5.20 -3.64 39.33
N LYS B 246 -5.06 -2.37 39.72
CA LYS B 246 -6.22 -1.60 40.15
C LYS B 246 -6.83 -0.73 39.05
N SER B 247 -6.17 -0.69 37.89
CA SER B 247 -6.68 0.10 36.79
C SER B 247 -7.87 -0.59 36.13
N ASN B 248 -8.81 0.20 35.63
CA ASN B 248 -9.99 -0.31 34.96
C ASN B 248 -9.67 -0.51 33.49
N PHE B 249 -8.68 0.24 33.00
CA PHE B 249 -8.23 0.14 31.62
C PHE B 249 -6.93 0.92 31.39
N TYR B 250 -6.25 0.59 30.29
CA TYR B 250 -4.98 1.19 29.90
C TYR B 250 -4.94 2.72 30.06
N GLY B 251 -5.77 3.41 29.29
CA GLY B 251 -5.80 4.86 29.34
C GLY B 251 -5.87 5.47 30.73
N GLU B 252 -6.51 4.76 31.65
CA GLU B 252 -6.65 5.24 33.02
C GLU B 252 -5.29 5.42 33.69
N VAL B 253 -4.35 4.54 33.38
CA VAL B 253 -3.01 4.63 33.95
C VAL B 253 -2.34 5.96 33.61
N TYR B 254 -2.43 6.39 32.35
CA TYR B 254 -1.83 7.66 31.93
C TYR B 254 -2.54 8.84 32.60
N ASP B 255 -3.86 8.76 32.67
CA ASP B 255 -4.64 9.84 33.26
C ASP B 255 -4.30 10.04 34.74
N LYS B 256 -4.03 8.94 35.43
CA LYS B 256 -3.67 8.96 36.85
C LYS B 256 -2.46 9.86 37.10
N PHE B 257 -1.55 9.92 36.14
CA PHE B 257 -0.34 10.72 36.28
C PHE B 257 -0.37 12.04 35.50
N GLY B 258 -1.55 12.43 35.05
CA GLY B 258 -1.68 13.67 34.30
C GLY B 258 -1.12 13.64 32.89
N LEU B 259 -0.99 12.44 32.33
CA LEU B 259 -0.47 12.28 30.98
C LEU B 259 -1.57 11.90 29.98
N PHE B 260 -2.80 12.34 30.24
CA PHE B 260 -3.90 11.99 29.34
C PHE B 260 -4.84 13.13 28.98
N GLY B 261 -4.30 14.21 28.44
CA GLY B 261 -5.16 15.30 28.02
C GLY B 261 -5.13 16.62 28.77
N ASN B 262 -4.36 16.75 29.86
CA ASN B 262 -4.30 18.02 30.57
C ASN B 262 -3.75 19.05 29.61
N THR B 263 -2.88 18.59 28.73
CA THR B 263 -2.28 19.41 27.68
C THR B 263 -2.48 18.58 26.41
N PRO B 264 -2.39 19.21 25.22
CA PRO B 264 -2.59 18.40 24.00
C PRO B 264 -1.83 17.08 24.12
N THR B 265 -2.53 15.98 23.90
CA THR B 265 -1.93 14.66 24.03
C THR B 265 -2.18 13.78 22.82
N LEU B 266 -1.13 13.09 22.39
CA LEU B 266 -1.21 12.18 21.25
C LEU B 266 -1.10 10.75 21.77
N MET B 267 -2.05 9.92 21.39
CA MET B 267 -2.05 8.51 21.79
C MET B 267 -2.15 7.69 20.51
N ALA B 268 -1.09 6.97 20.20
CA ALA B 268 -1.04 6.18 18.98
C ALA B 268 -1.76 4.84 19.03
N HIS B 269 -2.31 4.47 17.88
CA HIS B 269 -2.99 3.19 17.63
C HIS B 269 -4.42 3.08 18.15
N CYS B 270 -4.58 2.96 19.46
CA CYS B 270 -5.92 2.84 20.04
C CYS B 270 -6.78 1.82 19.27
N ILE B 271 -6.25 0.63 19.08
CA ILE B 271 -6.96 -0.40 18.34
C ILE B 271 -7.99 -1.16 19.19
N HIS B 272 -7.54 -1.63 20.35
CA HIS B 272 -8.40 -2.42 21.23
C HIS B 272 -8.98 -1.67 22.44
N SER B 273 -9.09 -0.35 22.34
CA SER B 273 -9.61 0.45 23.45
C SER B 273 -11.02 0.03 23.86
N SER B 274 -11.25 -0.08 25.16
CA SER B 274 -12.55 -0.46 25.69
C SER B 274 -13.49 0.74 25.60
N LYS B 275 -14.77 0.51 25.84
CA LYS B 275 -15.77 1.57 25.80
C LYS B 275 -15.44 2.70 26.77
N GLU B 276 -14.92 2.36 27.95
CA GLU B 276 -14.57 3.35 28.96
C GLU B 276 -13.36 4.19 28.56
N GLU B 277 -12.38 3.55 27.95
CA GLU B 277 -11.17 4.22 27.50
C GLU B 277 -11.54 5.24 26.44
N ILE B 278 -12.38 4.81 25.49
CA ILE B 278 -12.83 5.68 24.41
C ILE B 278 -13.55 6.92 24.95
N ASN B 279 -14.37 6.74 25.97
CA ASN B 279 -15.09 7.86 26.56
C ASN B 279 -14.14 8.81 27.26
N LEU B 280 -13.09 8.25 27.86
CA LEU B 280 -12.10 9.08 28.56
C LEU B 280 -11.34 9.90 27.53
N ILE B 281 -11.02 9.27 26.39
CA ILE B 281 -10.31 9.95 25.32
C ILE B 281 -11.12 11.15 24.85
N LYS B 282 -12.42 10.96 24.66
CA LYS B 282 -13.31 12.05 24.22
C LYS B 282 -13.44 13.09 25.33
N ARG B 283 -13.58 12.62 26.56
CA ARG B 283 -13.73 13.49 27.71
C ARG B 283 -12.52 14.39 27.91
N ASN B 284 -11.34 13.79 27.93
CA ASN B 284 -10.08 14.52 28.14
C ASN B 284 -9.51 15.15 26.88
N ASN B 285 -10.32 15.21 25.83
CA ASN B 285 -9.90 15.80 24.55
C ASN B 285 -8.54 15.29 24.07
N VAL B 286 -8.36 13.98 24.14
CA VAL B 286 -7.11 13.35 23.71
C VAL B 286 -7.15 13.16 22.19
N THR B 287 -5.98 13.14 21.56
CA THR B 287 -5.94 12.95 20.12
C THR B 287 -5.40 11.58 19.79
N ILE B 288 -6.19 10.84 19.00
CA ILE B 288 -5.82 9.50 18.59
C ILE B 288 -5.02 9.55 17.29
N VAL B 289 -3.85 8.92 17.28
CA VAL B 289 -3.04 8.90 16.08
C VAL B 289 -3.21 7.53 15.41
N HIS B 290 -3.98 7.51 14.33
CA HIS B 290 -4.26 6.28 13.58
C HIS B 290 -3.05 5.92 12.70
N CYS B 291 -2.48 4.74 12.92
CA CYS B 291 -1.32 4.26 12.17
C CYS B 291 -1.61 2.93 11.48
N PRO B 292 -2.50 2.95 10.48
CA PRO B 292 -2.91 1.76 9.73
C PRO B 292 -1.82 0.85 9.16
N THR B 293 -0.78 1.42 8.56
CA THR B 293 0.28 0.59 7.97
C THR B 293 0.97 -0.24 9.04
N SER B 294 1.27 0.40 10.17
CA SER B 294 1.90 -0.29 11.28
C SER B 294 0.99 -1.37 11.84
N ASN B 295 -0.30 -1.06 11.94
CA ASN B 295 -1.25 -2.01 12.48
C ASN B 295 -1.31 -3.28 11.64
N PHE B 296 -1.14 -3.14 10.33
CA PHE B 296 -1.14 -4.31 9.46
C PHE B 296 0.19 -5.04 9.60
N ASN B 297 1.29 -4.31 9.45
CA ASN B 297 2.62 -4.90 9.50
C ASN B 297 2.99 -5.72 10.75
N LEU B 298 2.48 -5.31 11.91
CA LEU B 298 2.80 -6.08 13.12
C LEU B 298 1.62 -6.94 13.56
N GLY B 299 0.60 -7.04 12.70
CA GLY B 299 -0.57 -7.83 13.03
C GLY B 299 -1.13 -7.43 14.38
N SER B 300 -1.25 -6.14 14.60
CA SER B 300 -1.78 -5.62 15.86
C SER B 300 -3.31 -5.64 15.87
N GLY B 301 -3.89 -5.33 14.72
CA GLY B 301 -5.34 -5.30 14.60
C GLY B 301 -5.76 -4.17 13.68
N MET B 302 -7.06 -3.91 13.61
CA MET B 302 -7.57 -2.86 12.76
C MET B 302 -8.41 -1.90 13.58
N MET B 303 -8.02 -0.62 13.58
CA MET B 303 -8.72 0.39 14.36
C MET B 303 -10.06 0.77 13.76
N PRO B 304 -11.11 0.88 14.61
CA PRO B 304 -12.46 1.23 14.18
C PRO B 304 -12.61 2.75 14.14
N VAL B 305 -12.10 3.36 13.06
CA VAL B 305 -12.12 4.81 12.91
C VAL B 305 -13.49 5.48 12.90
N ARG B 306 -14.46 4.87 12.21
CA ARG B 306 -15.79 5.47 12.14
C ARG B 306 -16.44 5.53 13.52
N LYS B 307 -16.24 4.49 14.31
CA LYS B 307 -16.81 4.45 15.66
C LYS B 307 -16.30 5.65 16.46
N TYR B 308 -15.01 5.95 16.33
CA TYR B 308 -14.43 7.07 17.05
C TYR B 308 -14.87 8.41 16.49
N LEU B 309 -14.96 8.53 15.17
CA LEU B 309 -15.39 9.80 14.58
C LEU B 309 -16.85 10.11 14.91
N ASN B 310 -17.66 9.07 15.06
CA ASN B 310 -19.07 9.26 15.40
C ASN B 310 -19.18 9.84 16.80
N LEU B 311 -18.17 9.59 17.63
CA LEU B 311 -18.16 10.10 18.99
C LEU B 311 -17.52 11.47 19.07
N GLY B 312 -17.11 12.01 17.93
CA GLY B 312 -16.50 13.33 17.91
C GLY B 312 -15.07 13.33 18.44
N ILE B 313 -14.43 12.17 18.41
CA ILE B 313 -13.05 12.05 18.90
C ILE B 313 -12.05 12.58 17.85
N ASN B 314 -11.02 13.27 18.32
CA ASN B 314 -9.99 13.81 17.45
C ASN B 314 -9.18 12.67 16.85
N VAL B 315 -9.09 12.60 15.53
CA VAL B 315 -8.31 11.54 14.90
C VAL B 315 -7.37 12.09 13.82
N VAL B 316 -6.10 11.72 13.93
CA VAL B 316 -5.09 12.14 12.97
C VAL B 316 -4.35 10.90 12.50
N LEU B 317 -3.39 11.07 11.61
CA LEU B 317 -2.64 9.94 11.06
C LEU B 317 -1.15 9.98 11.38
N GLY B 318 -0.55 8.81 11.45
CA GLY B 318 0.88 8.71 11.71
C GLY B 318 1.46 7.61 10.85
N SER B 319 2.72 7.75 10.48
CA SER B 319 3.39 6.74 9.67
C SER B 319 3.90 5.60 10.56
N ASP B 320 4.22 5.94 11.81
CA ASP B 320 4.78 5.00 12.79
C ASP B 320 5.92 4.19 12.21
N ILE B 321 6.79 4.87 11.46
CA ILE B 321 7.88 4.17 10.81
C ILE B 321 8.69 3.16 11.58
N SER B 322 9.00 2.15 10.77
CA SER B 322 9.71 0.94 11.07
C SER B 322 8.55 -0.04 11.18
N ALA B 323 7.66 0.20 12.15
CA ALA B 323 6.49 -0.65 12.32
C ALA B 323 5.72 -0.39 11.00
N GLY B 324 5.51 0.90 10.72
CA GLY B 324 4.87 1.30 9.48
C GLY B 324 6.05 1.29 8.49
N HIS B 325 5.81 0.81 7.27
CA HIS B 325 6.86 0.69 6.26
C HIS B 325 7.14 1.88 5.35
N THR B 326 6.44 3.00 5.54
CA THR B 326 6.69 4.14 4.66
C THR B 326 6.51 5.50 5.31
N CYS B 327 7.37 6.44 4.91
CA CYS B 327 7.33 7.81 5.40
C CYS B 327 6.25 8.60 4.66
N SER B 328 5.69 8.03 3.61
CA SER B 328 4.65 8.73 2.83
C SER B 328 3.30 8.73 3.53
N LEU B 329 2.84 9.91 3.93
CA LEU B 329 1.54 9.98 4.59
C LEU B 329 0.43 9.80 3.56
N PHE B 330 0.76 9.89 2.27
CA PHE B 330 -0.23 9.69 1.22
C PHE B 330 -0.55 8.20 1.17
N LYS B 331 0.48 7.37 1.38
CA LYS B 331 0.28 5.93 1.41
C LYS B 331 -0.52 5.60 2.67
N VAL B 332 -0.24 6.29 3.77
CA VAL B 332 -0.95 6.08 5.02
C VAL B 332 -2.43 6.42 4.82
N ILE B 333 -2.71 7.49 4.08
CA ILE B 333 -4.08 7.89 3.80
C ILE B 333 -4.78 6.73 3.08
N ALA B 334 -4.16 6.23 2.02
CA ALA B 334 -4.74 5.11 1.29
C ALA B 334 -5.06 3.94 2.23
N TYR B 335 -4.08 3.56 3.06
CA TYR B 335 -4.26 2.44 4.00
C TYR B 335 -5.36 2.65 5.02
N ALA B 336 -5.52 3.88 5.50
CA ALA B 336 -6.54 4.20 6.48
C ALA B 336 -7.90 3.99 5.83
N ILE B 337 -8.03 4.43 4.58
CA ILE B 337 -9.29 4.29 3.86
C ILE B 337 -9.59 2.80 3.67
N GLN B 338 -8.60 2.04 3.21
CA GLN B 338 -8.75 0.61 2.97
C GLN B 338 -9.10 -0.12 4.27
N ASN B 339 -8.43 0.26 5.36
CA ASN B 339 -8.72 -0.34 6.65
C ASN B 339 -10.17 -0.05 7.03
N SER B 340 -10.62 1.17 6.78
CA SER B 340 -11.99 1.55 7.12
C SER B 340 -13.02 0.80 6.28
N LYS B 341 -12.64 0.46 5.06
CA LYS B 341 -13.57 -0.25 4.19
C LYS B 341 -13.83 -1.66 4.71
N ILE B 342 -12.82 -2.27 5.33
CA ILE B 342 -13.00 -3.60 5.89
C ILE B 342 -13.88 -3.49 7.14
N LYS B 343 -13.71 -2.43 7.93
CA LYS B 343 -14.52 -2.25 9.13
C LYS B 343 -15.97 -2.01 8.71
N TRP B 344 -16.14 -1.31 7.60
CA TRP B 344 -17.46 -1.02 7.07
C TRP B 344 -18.16 -2.33 6.71
N GLN B 345 -17.42 -3.22 6.06
CA GLN B 345 -17.95 -4.52 5.65
C GLN B 345 -18.33 -5.38 6.85
N GLU B 346 -17.46 -5.42 7.86
CA GLU B 346 -17.72 -6.22 9.04
C GLU B 346 -18.84 -5.67 9.90
N SER B 347 -19.17 -4.39 9.70
CA SER B 347 -20.24 -3.75 10.47
C SER B 347 -21.56 -3.88 9.73
N GLY B 348 -21.59 -4.75 8.72
CA GLY B 348 -22.80 -4.92 7.94
C GLY B 348 -23.11 -3.65 7.16
N LYS B 349 -22.05 -2.91 6.85
CA LYS B 349 -22.17 -1.66 6.09
C LYS B 349 -22.84 -0.53 6.86
N LYS B 350 -22.81 -0.59 8.19
CA LYS B 350 -23.42 0.45 9.01
C LYS B 350 -22.45 1.61 9.27
N ASP B 351 -21.18 1.29 9.46
CA ASP B 351 -20.17 2.31 9.72
C ASP B 351 -19.45 2.68 8.43
N MET B 352 -19.91 3.74 7.79
CA MET B 352 -19.33 4.20 6.53
C MET B 352 -17.82 4.32 6.57
N PHE B 353 -17.18 3.91 5.48
CA PHE B 353 -15.73 4.00 5.38
C PHE B 353 -15.32 5.44 5.14
N LEU B 354 -14.04 5.73 5.31
CA LEU B 354 -13.53 7.08 5.11
C LEU B 354 -13.56 7.51 3.66
N SER B 355 -14.00 8.74 3.42
CA SER B 355 -14.02 9.29 2.08
C SER B 355 -12.61 9.84 1.90
N THR B 356 -12.22 10.12 0.67
CA THR B 356 -10.89 10.65 0.42
C THR B 356 -10.70 11.96 1.20
N SER B 357 -11.71 12.82 1.19
CA SER B 357 -11.61 14.11 1.89
C SER B 357 -11.41 13.95 3.40
N GLU B 358 -12.07 12.96 3.99
CA GLU B 358 -11.93 12.75 5.44
C GLU B 358 -10.52 12.35 5.85
N ALA B 359 -9.92 11.44 5.09
CA ALA B 359 -8.56 10.99 5.39
C ALA B 359 -7.56 12.12 5.08
N PHE B 360 -7.83 12.85 4.00
CA PHE B 360 -6.97 13.95 3.60
C PHE B 360 -7.03 15.01 4.71
N TYR B 361 -8.23 15.20 5.25
CA TYR B 361 -8.46 16.16 6.32
C TYR B 361 -7.61 15.80 7.54
N MET B 362 -7.52 14.51 7.84
CA MET B 362 -6.73 14.04 8.97
C MET B 362 -5.27 14.39 8.79
N ALA B 363 -4.78 14.16 7.57
CA ALA B 363 -3.39 14.41 7.22
C ALA B 363 -3.01 15.88 7.13
N THR B 364 -3.99 16.72 6.80
CA THR B 364 -3.71 18.14 6.64
C THR B 364 -4.23 19.06 7.74
N LYS B 365 -5.46 19.56 7.59
CA LYS B 365 -6.01 20.48 8.57
C LYS B 365 -6.11 19.99 10.01
N LYS B 366 -6.53 18.75 10.21
CA LYS B 366 -6.66 18.22 11.57
C LYS B 366 -5.28 17.95 12.18
N GLY B 367 -4.44 17.20 11.49
CA GLY B 367 -3.11 16.91 12.00
C GLY B 367 -2.33 18.21 12.15
N GLY B 368 -2.52 19.13 11.21
CA GLY B 368 -1.83 20.40 11.26
C GLY B 368 -2.20 21.25 12.47
N SER B 369 -3.45 21.16 12.92
CA SER B 369 -3.93 21.95 14.06
C SER B 369 -3.16 21.66 15.35
N PHE B 370 -2.52 20.49 15.42
CA PHE B 370 -1.77 20.13 16.61
C PHE B 370 -0.51 21.00 16.73
N PHE B 371 -0.01 21.47 15.57
CA PHE B 371 1.19 22.30 15.52
C PHE B 371 0.85 23.78 15.52
N GLY B 372 -0.39 24.11 15.17
CA GLY B 372 -0.81 25.50 15.13
C GLY B 372 -1.79 25.72 14.00
N LYS B 373 -1.80 26.92 13.41
CA LYS B 373 -2.69 27.21 12.29
C LYS B 373 -2.00 26.74 11.03
N VAL B 374 -2.01 25.43 10.83
CA VAL B 374 -1.37 24.81 9.67
C VAL B 374 -2.25 23.70 9.12
N GLY B 375 -2.12 23.42 7.83
CA GLY B 375 -2.91 22.35 7.23
C GLY B 375 -4.06 22.74 6.33
N SER B 376 -4.23 24.03 6.05
CA SER B 376 -5.31 24.47 5.20
C SER B 376 -4.99 25.81 4.54
N PHE B 377 -5.62 26.08 3.41
CA PHE B 377 -5.37 27.33 2.71
C PHE B 377 -6.44 28.37 3.05
N GLU B 378 -6.32 28.93 4.26
CA GLU B 378 -7.23 29.93 4.77
C GLU B 378 -6.39 31.07 5.38
N GLU B 379 -6.92 32.28 5.37
CA GLU B 379 -6.19 33.43 5.92
C GLU B 379 -5.74 33.18 7.36
N GLY B 380 -4.47 33.47 7.63
CA GLY B 380 -3.93 33.28 8.96
C GLY B 380 -3.07 32.04 9.15
N TYR B 381 -3.23 31.06 8.27
CA TYR B 381 -2.48 29.82 8.36
C TYR B 381 -1.05 29.93 7.81
N ASP B 382 -0.13 29.19 8.42
CA ASP B 382 1.24 29.19 7.94
C ASP B 382 1.18 28.51 6.57
N PHE B 383 2.03 28.95 5.64
CA PHE B 383 2.01 28.36 4.32
C PHE B 383 2.87 27.10 4.22
N ASP B 384 2.31 25.97 4.63
CA ASP B 384 2.97 24.68 4.52
C ASP B 384 2.27 24.09 3.31
N ALA B 385 3.02 23.84 2.23
CA ALA B 385 2.40 23.34 1.02
C ALA B 385 3.31 22.49 0.16
N LEU B 386 2.69 21.74 -0.74
CA LEU B 386 3.40 20.87 -1.67
C LEU B 386 2.87 21.16 -3.07
N VAL B 387 3.74 21.10 -4.06
CA VAL B 387 3.33 21.30 -5.44
C VAL B 387 3.43 19.93 -6.08
N ILE B 388 2.29 19.42 -6.55
CA ILE B 388 2.26 18.10 -7.15
C ILE B 388 2.23 18.18 -8.67
N ASN B 389 3.20 17.53 -9.29
CA ASN B 389 3.31 17.48 -10.74
C ASN B 389 2.96 16.03 -11.09
N ASP B 390 1.75 15.82 -11.57
CA ASP B 390 1.28 14.48 -11.92
C ASP B 390 1.26 14.25 -13.43
N SER B 391 2.19 14.89 -14.13
CA SER B 391 2.25 14.78 -15.59
C SER B 391 2.38 13.37 -16.14
N ASN B 392 2.89 12.44 -15.32
CA ASN B 392 3.05 11.06 -15.78
C ASN B 392 1.80 10.21 -15.52
N LEU B 393 0.74 10.83 -14.99
CA LEU B 393 -0.49 10.09 -14.69
C LEU B 393 -1.68 10.49 -15.58
N TYR B 394 -1.39 10.87 -16.83
CA TYR B 394 -2.44 11.26 -17.77
C TYR B 394 -3.46 12.21 -17.15
N PRO B 395 -2.99 13.27 -16.48
CA PRO B 395 -3.88 14.23 -15.83
C PRO B 395 -4.95 14.89 -16.70
N GLU B 396 -4.67 15.02 -17.99
CA GLU B 396 -5.62 15.63 -18.91
C GLU B 396 -6.98 14.93 -18.96
N ASP B 397 -7.03 13.67 -18.52
CA ASP B 397 -8.29 12.92 -18.56
C ASP B 397 -9.11 12.94 -17.26
N TYR B 398 -8.64 13.66 -16.26
CA TYR B 398 -9.34 13.66 -14.97
C TYR B 398 -9.53 15.06 -14.41
N ASP B 399 -10.54 15.22 -13.55
CA ASP B 399 -10.75 16.51 -12.91
C ASP B 399 -9.81 16.54 -11.71
N LEU B 400 -9.71 17.68 -11.05
CA LEU B 400 -8.80 17.84 -9.92
C LEU B 400 -8.94 16.85 -8.77
N THR B 401 -10.17 16.51 -8.41
CA THR B 401 -10.38 15.56 -7.32
C THR B 401 -9.79 14.20 -7.68
N GLU B 402 -10.10 13.74 -8.89
CA GLU B 402 -9.62 12.45 -9.38
C GLU B 402 -8.09 12.46 -9.47
N ARG B 403 -7.52 13.57 -9.93
CA ARG B 403 -6.07 13.69 -10.04
C ARG B 403 -5.40 13.54 -8.68
N LEU B 404 -5.99 14.14 -7.65
CA LEU B 404 -5.43 14.05 -6.30
C LEU B 404 -5.53 12.61 -5.83
N GLU B 405 -6.70 12.00 -6.01
CA GLU B 405 -6.89 10.60 -5.60
C GLU B 405 -5.90 9.68 -6.32
N ARG B 406 -5.66 9.94 -7.60
CA ARG B 406 -4.73 9.11 -8.36
C ARG B 406 -3.30 9.30 -7.85
N PHE B 407 -2.99 10.51 -7.40
CA PHE B 407 -1.66 10.76 -6.83
C PHE B 407 -1.52 9.95 -5.54
N ILE B 408 -2.57 9.96 -4.72
CA ILE B 408 -2.57 9.22 -3.46
C ILE B 408 -2.40 7.71 -3.69
N TYR B 409 -3.17 7.16 -4.62
CA TYR B 409 -3.10 5.72 -4.89
C TYR B 409 -1.98 5.25 -5.81
N LEU B 410 -1.71 5.98 -6.88
CA LEU B 410 -0.69 5.56 -7.84
C LEU B 410 0.59 6.37 -7.89
N GLY B 411 0.59 7.56 -7.28
CA GLY B 411 1.78 8.40 -7.32
C GLY B 411 2.78 8.14 -6.21
N ASP B 412 3.85 8.93 -6.19
CA ASP B 412 4.89 8.81 -5.17
C ASP B 412 5.71 10.10 -5.10
N ASP B 413 6.82 10.07 -4.35
CA ASP B 413 7.63 11.27 -4.19
C ASP B 413 8.08 11.93 -5.49
N ARG B 414 8.14 11.17 -6.58
CA ARG B 414 8.58 11.75 -7.84
C ARG B 414 7.61 12.83 -8.35
N ASN B 415 6.38 12.82 -7.85
CA ASN B 415 5.40 13.83 -8.27
C ASN B 415 5.44 15.06 -7.37
N ILE B 416 6.25 15.01 -6.32
CA ILE B 416 6.38 16.14 -5.41
C ILE B 416 7.51 17.01 -5.93
N MET B 417 7.12 18.11 -6.57
CA MET B 417 8.06 19.04 -7.19
C MET B 417 8.64 20.07 -6.23
N LYS B 418 7.82 20.54 -5.30
CA LYS B 418 8.26 21.53 -4.32
C LYS B 418 7.49 21.41 -3.02
N ARG B 419 8.13 21.83 -1.94
CA ARG B 419 7.51 21.83 -0.63
C ARG B 419 7.88 23.09 0.13
N TYR B 420 6.92 23.63 0.88
CA TYR B 420 7.13 24.84 1.64
C TYR B 420 6.68 24.66 3.09
N VAL B 421 7.41 25.29 4.00
CA VAL B 421 7.09 25.26 5.42
C VAL B 421 7.10 26.73 5.86
N CYS B 422 5.96 27.21 6.35
CA CYS B 422 5.84 28.60 6.78
C CYS B 422 6.27 29.57 5.69
N GLY B 423 5.91 29.25 4.45
CA GLY B 423 6.25 30.11 3.33
C GLY B 423 7.65 29.96 2.77
N ASN B 424 8.50 29.18 3.43
CA ASN B 424 9.87 28.98 2.96
C ASN B 424 10.02 27.66 2.23
N GLU B 425 10.64 27.70 1.06
CA GLU B 425 10.84 26.48 0.29
C GLU B 425 11.88 25.62 0.98
N ILE B 426 11.57 24.34 1.10
CA ILE B 426 12.48 23.38 1.75
C ILE B 426 13.14 22.52 0.69
N PHE B 427 14.46 22.41 0.76
CA PHE B 427 15.22 21.59 -0.18
C PHE B 427 15.74 20.35 0.53
FE FE C . -11.89 -8.95 -11.14
N9 GUN D . -17.17 -9.37 -11.04
C8 GUN D . -17.83 -8.97 -12.19
N7 GUN D . -17.31 -7.96 -12.84
C5 GUN D . -16.19 -7.66 -12.06
C6 GUN D . -15.22 -6.61 -12.30
O6 GUN D . -15.30 -5.86 -13.25
N1 GUN D . -14.23 -6.64 -11.28
C2 GUN D . -14.19 -7.54 -10.19
N2 GUN D . -13.22 -7.48 -9.31
N3 GUN D . -15.11 -8.52 -9.99
C4 GUN D . -16.08 -8.52 -10.96
C1 GOL E . -25.51 -8.50 -31.09
O1 GOL E . -25.51 -9.41 -32.42
C2 GOL E . -25.20 -8.92 -29.79
O2 GOL E . -24.20 -9.84 -29.78
C3 GOL E . -25.88 -8.33 -29.00
O3 GOL E . -26.96 -7.37 -28.40
FE FE F . 4.51 3.46 17.50
N9 GUN G . 5.15 0.78 21.71
C8 GUN G . 6.37 0.95 22.34
N7 GUN G . 7.39 1.16 21.56
C5 GUN G . 6.81 1.10 20.28
C6 GUN G . 7.46 1.25 18.99
O6 GUN G . 8.67 1.46 18.86
N1 GUN G . 6.52 1.13 17.96
C2 GUN G . 5.14 0.89 18.09
N2 GUN G . 4.38 0.80 17.02
N3 GUN G . 4.53 0.75 19.32
C4 GUN G . 5.44 0.86 20.37
#